data_7Y9B
#
_entry.id   7Y9B
#
_cell.length_a   76.569
_cell.length_b   66.571
_cell.length_c   112.628
_cell.angle_alpha   90.00
_cell.angle_beta   109.83
_cell.angle_gamma   90.00
#
_symmetry.space_group_name_H-M   'P 1 21 1'
#
loop_
_entity.id
_entity.type
_entity.pdbx_description
1 polymer 'Membrane protein'
2 non-polymer 3,6,9,12,15-PENTAOXATRICOSAN-1-OL
3 water water
#
_entity_poly.entity_id   1
_entity_poly.type   'polypeptide(L)'
_entity_poly.pdbx_seq_one_letter_code
;MASSNVTLSNDEVLRLVKDWNFTWSVVFLLITIVLQYGYPSRSMFVYVIKMFVLWLLWPASMALSIFCAVYPIDLASQII
SGILAATSCAMWISYFVQSIRLFMRTGSWWSFNPESNCLLNVPIGGTTVVRPLVEDSTSVTAVVTDGYLKMAGMHFGACD
FQRLPSEVTVAKPNVLIALKMIKRQAYGTNSGVAIYHRYKAGNYRRPPIIQDQELALLRA
;
_entity_poly.pdbx_strand_id   A,B,C,D
#
loop_
_chem_comp.id
_chem_comp.type
_chem_comp.name
_chem_comp.formula
N8E non-polymer 3,6,9,12,15-PENTAOXATRICOSAN-1-OL 'C18 H38 O6'
#
# COMPACT_ATOMS: atom_id res chain seq x y z
N VAL A 13 -27.20 4.22 45.20
CA VAL A 13 -25.83 4.54 45.56
C VAL A 13 -24.96 3.28 45.49
N LEU A 14 -25.17 2.38 46.45
CA LEU A 14 -24.38 1.15 46.49
C LEU A 14 -24.86 0.13 45.46
N ARG A 15 -26.16 0.12 45.16
CA ARG A 15 -26.69 -0.82 44.18
C ARG A 15 -26.12 -0.55 42.78
N LEU A 16 -26.04 0.72 42.39
CA LEU A 16 -25.47 1.05 41.10
C LEU A 16 -24.02 0.57 41.01
N VAL A 17 -23.28 0.68 42.11
CA VAL A 17 -21.91 0.18 42.14
C VAL A 17 -21.87 -1.33 41.90
N LYS A 18 -22.82 -2.06 42.49
CA LYS A 18 -22.79 -3.52 42.41
C LYS A 18 -23.08 -4.01 40.99
N ASP A 19 -24.13 -3.49 40.36
CA ASP A 19 -24.43 -3.89 38.98
C ASP A 19 -23.30 -3.49 38.04
N TRP A 20 -22.72 -2.31 38.25
CA TRP A 20 -21.63 -1.83 37.41
C TRP A 20 -20.42 -2.75 37.53
N ASN A 21 -20.02 -3.09 38.76
CA ASN A 21 -18.85 -3.94 38.96
C ASN A 21 -19.08 -5.35 38.47
N PHE A 22 -20.28 -5.90 38.66
CA PHE A 22 -20.54 -7.29 38.25
C PHE A 22 -20.37 -7.45 36.75
N THR A 23 -20.89 -6.48 35.97
CA THR A 23 -20.77 -6.56 34.52
C THR A 23 -19.31 -6.48 34.08
N TRP A 24 -18.54 -5.56 34.68
CA TRP A 24 -17.13 -5.42 34.32
C TRP A 24 -16.31 -6.62 34.72
N SER A 25 -16.67 -7.27 35.84
CA SER A 25 -15.95 -8.48 36.25
C SER A 25 -16.08 -9.57 35.20
N VAL A 26 -17.28 -9.73 34.62
CA VAL A 26 -17.46 -10.67 33.53
C VAL A 26 -16.61 -10.28 32.32
N VAL A 27 -16.57 -8.99 32.01
CA VAL A 27 -15.83 -8.53 30.83
C VAL A 27 -14.34 -8.75 31.02
N PHE A 28 -13.79 -8.38 32.18
CA PHE A 28 -12.36 -8.52 32.40
C PHE A 28 -11.93 -9.97 32.39
N LEU A 29 -12.74 -10.87 32.96
CA LEU A 29 -12.43 -12.28 32.89
C LEU A 29 -12.48 -12.80 31.47
N LEU A 30 -13.44 -12.31 30.67
CA LEU A 30 -13.51 -12.71 29.27
C LEU A 30 -12.29 -12.23 28.50
N ILE A 31 -11.81 -11.03 28.80
CA ILE A 31 -10.59 -10.54 28.16
C ILE A 31 -9.40 -11.39 28.57
N THR A 32 -9.34 -11.79 29.84
CA THR A 32 -8.27 -12.66 30.29
C THR A 32 -8.29 -14.00 29.57
N ILE A 33 -9.48 -14.56 29.37
CA ILE A 33 -9.60 -15.85 28.71
C ILE A 33 -9.14 -15.75 27.26
N VAL A 34 -9.66 -14.77 26.53
CA VAL A 34 -9.28 -14.62 25.12
C VAL A 34 -7.82 -14.19 24.98
N LEU A 35 -7.26 -13.55 26.00
CA LEU A 35 -5.85 -13.16 25.95
C LEU A 35 -4.92 -14.32 26.29
N GLN A 36 -5.43 -15.36 26.96
CA GLN A 36 -4.63 -16.50 27.37
C GLN A 36 -4.84 -17.72 26.47
N TYR A 37 -6.06 -17.95 26.00
CA TYR A 37 -6.37 -19.12 25.18
C TYR A 37 -6.92 -18.76 23.81
N GLY A 38 -7.01 -17.48 23.47
CA GLY A 38 -7.57 -17.07 22.19
C GLY A 38 -6.58 -17.16 21.05
N TYR A 39 -6.20 -18.38 20.67
CA TYR A 39 -5.26 -18.61 19.59
C TYR A 39 -5.70 -19.85 18.82
N PRO A 40 -5.64 -19.81 17.49
CA PRO A 40 -6.06 -20.98 16.70
C PRO A 40 -5.22 -22.21 16.97
N SER A 41 -4.02 -22.06 17.52
CA SER A 41 -3.20 -23.20 17.90
C SER A 41 -3.59 -23.79 19.25
N ARG A 42 -4.48 -23.14 19.99
CA ARG A 42 -4.94 -23.64 21.30
C ARG A 42 -6.40 -24.08 21.23
N SER A 43 -7.33 -23.16 20.98
CA SER A 43 -8.74 -23.49 20.91
C SER A 43 -9.41 -22.62 19.86
N MET A 44 -9.93 -23.26 18.81
CA MET A 44 -10.64 -22.51 17.77
C MET A 44 -11.86 -21.79 18.33
N PHE A 45 -12.51 -22.38 19.34
CA PHE A 45 -13.69 -21.76 19.92
C PHE A 45 -13.32 -20.47 20.65
N VAL A 46 -12.28 -20.52 21.49
CA VAL A 46 -11.85 -19.32 22.20
C VAL A 46 -11.32 -18.28 21.22
N TYR A 47 -10.76 -18.72 20.10
CA TYR A 47 -10.25 -17.78 19.10
C TYR A 47 -11.38 -16.94 18.51
N VAL A 48 -12.53 -17.56 18.23
CA VAL A 48 -13.66 -16.80 17.69
C VAL A 48 -14.21 -15.83 18.73
N ILE A 49 -14.17 -16.20 20.01
CA ILE A 49 -14.60 -15.28 21.06
C ILE A 49 -13.68 -14.07 21.09
N LYS A 50 -12.37 -14.29 20.97
CA LYS A 50 -11.42 -13.18 20.91
C LYS A 50 -11.73 -12.26 19.74
N MET A 51 -12.05 -12.84 18.58
CA MET A 51 -12.33 -12.04 17.41
C MET A 51 -13.60 -11.21 17.58
N PHE A 52 -14.64 -11.80 18.17
CA PHE A 52 -15.83 -11.01 18.51
C PHE A 52 -15.49 -9.92 19.51
N VAL A 53 -14.60 -10.21 20.46
CA VAL A 53 -14.19 -9.21 21.43
C VAL A 53 -13.42 -8.10 20.74
N LEU A 54 -12.52 -8.45 19.82
CA LEU A 54 -11.72 -7.44 19.13
C LEU A 54 -12.58 -6.60 18.20
N TRP A 55 -13.54 -7.23 17.50
CA TRP A 55 -14.42 -6.49 16.62
C TRP A 55 -15.29 -5.50 17.40
N LEU A 56 -15.67 -5.86 18.63
CA LEU A 56 -16.39 -4.91 19.49
C LEU A 56 -15.44 -3.93 20.16
N LEU A 57 -14.16 -4.28 20.29
CA LEU A 57 -13.24 -3.42 21.02
C LEU A 57 -12.86 -2.19 20.20
N TRP A 58 -12.81 -2.31 18.86
CA TRP A 58 -12.47 -1.16 18.03
C TRP A 58 -13.44 0.00 18.19
N PRO A 59 -14.75 -0.17 18.00
CA PRO A 59 -15.64 0.99 18.16
C PRO A 59 -15.77 1.42 19.60
N ALA A 60 -15.75 0.48 20.55
CA ALA A 60 -15.82 0.86 21.96
C ALA A 60 -14.63 1.72 22.36
N SER A 61 -13.42 1.32 21.96
CA SER A 61 -12.25 2.14 22.24
C SER A 61 -12.36 3.49 21.56
N MET A 62 -12.86 3.52 20.32
CA MET A 62 -13.07 4.79 19.64
C MET A 62 -14.14 5.61 20.34
N ALA A 63 -15.31 5.00 20.58
CA ALA A 63 -16.41 5.72 21.20
C ALA A 63 -16.05 6.21 22.60
N LEU A 64 -15.25 5.44 23.33
CA LEU A 64 -14.82 5.89 24.65
C LEU A 64 -13.91 7.09 24.56
N SER A 65 -13.06 7.14 23.54
CA SER A 65 -12.22 8.32 23.33
C SER A 65 -13.03 9.51 22.85
N ILE A 66 -14.08 9.27 22.06
CA ILE A 66 -14.96 10.36 21.64
C ILE A 66 -15.62 11.00 22.86
N PHE A 67 -15.97 10.19 23.86
CA PHE A 67 -16.56 10.73 25.08
C PHE A 67 -15.56 11.59 25.83
N CYS A 68 -14.33 11.09 26.04
CA CYS A 68 -13.32 11.85 26.74
C CYS A 68 -12.85 13.07 25.96
N ALA A 69 -13.21 13.18 24.69
CA ALA A 69 -12.94 14.39 23.92
C ALA A 69 -14.07 15.40 24.03
N VAL A 70 -15.31 14.93 24.17
CA VAL A 70 -16.44 15.84 24.39
C VAL A 70 -16.46 16.32 25.83
N TYR A 71 -16.15 15.44 26.78
CA TYR A 71 -16.08 15.76 28.20
C TYR A 71 -14.66 15.50 28.69
N PRO A 72 -13.72 16.39 28.38
CA PRO A 72 -12.33 16.16 28.78
C PRO A 72 -11.99 16.80 30.12
N ILE A 73 -10.86 16.36 30.68
CA ILE A 73 -10.36 16.96 31.92
C ILE A 73 -9.81 18.35 31.64
N ASP A 74 -9.00 18.47 30.59
CA ASP A 74 -8.42 19.74 30.19
C ASP A 74 -8.19 19.71 28.68
N LEU A 75 -7.54 20.75 28.17
CA LEU A 75 -7.33 20.85 26.72
C LEU A 75 -6.39 19.76 26.22
N ALA A 76 -5.33 19.46 27.00
CA ALA A 76 -4.42 18.40 26.61
C ALA A 76 -5.11 17.04 26.61
N SER A 77 -5.99 16.80 27.59
CA SER A 77 -6.75 15.56 27.60
C SER A 77 -7.71 15.48 26.43
N GLN A 78 -8.26 16.62 25.99
CA GLN A 78 -9.13 16.61 24.83
C GLN A 78 -8.35 16.24 23.56
N ILE A 79 -7.13 16.76 23.44
CA ILE A 79 -6.31 16.45 22.26
C ILE A 79 -5.87 15.00 22.27
N ILE A 80 -5.41 14.51 23.43
CA ILE A 80 -4.97 13.11 23.52
C ILE A 80 -6.11 12.16 23.21
N SER A 81 -7.32 12.48 23.69
CA SER A 81 -8.48 11.62 23.41
C SER A 81 -8.76 11.55 21.92
N GLY A 82 -8.66 12.69 21.22
CA GLY A 82 -8.86 12.67 19.78
C GLY A 82 -7.78 11.90 19.04
N ILE A 83 -6.55 11.92 19.54
CA ILE A 83 -5.48 11.13 18.94
C ILE A 83 -5.75 9.65 19.12
N LEU A 84 -6.18 9.25 20.32
CA LEU A 84 -6.51 7.85 20.56
C LEU A 84 -7.73 7.43 19.76
N ALA A 85 -8.68 8.34 19.55
CA ALA A 85 -9.86 8.01 18.76
C ALA A 85 -9.48 7.68 17.32
N ALA A 86 -8.64 8.53 16.71
CA ALA A 86 -8.14 8.22 15.37
C ALA A 86 -7.28 6.98 15.36
N THR A 87 -6.56 6.72 16.46
CA THR A 87 -5.72 5.53 16.55
C THR A 87 -6.56 4.27 16.51
N SER A 88 -7.65 4.24 17.28
CA SER A 88 -8.57 3.11 17.22
C SER A 88 -9.18 2.96 15.83
N CYS A 89 -9.43 4.10 15.15
CA CYS A 89 -10.02 4.04 13.82
C CYS A 89 -8.97 3.61 12.78
N ALA A 90 -7.73 4.06 12.94
CA ALA A 90 -6.69 3.72 11.96
C ALA A 90 -6.33 2.24 12.06
N MET A 91 -6.32 1.68 13.28
CA MET A 91 -5.99 0.27 13.43
C MET A 91 -7.08 -0.63 12.84
N TRP A 92 -8.35 -0.23 12.96
CA TRP A 92 -9.41 -1.00 12.34
C TRP A 92 -9.33 -0.94 10.82
N ILE A 93 -9.08 0.25 10.27
CA ILE A 93 -8.93 0.37 8.82
C ILE A 93 -7.73 -0.44 8.35
N SER A 94 -6.62 -0.40 9.09
CA SER A 94 -5.45 -1.18 8.73
C SER A 94 -5.76 -2.67 8.74
N TYR A 95 -6.42 -3.15 9.79
CA TYR A 95 -6.80 -4.56 9.85
C TYR A 95 -7.71 -4.94 8.69
N PHE A 96 -8.69 -4.10 8.39
CA PHE A 96 -9.65 -4.43 7.33
C PHE A 96 -8.98 -4.42 5.96
N VAL A 97 -8.01 -3.53 5.75
CA VAL A 97 -7.33 -3.47 4.45
C VAL A 97 -6.50 -4.72 4.24
N GLN A 98 -5.73 -5.12 5.25
CA GLN A 98 -4.89 -6.31 5.11
C GLN A 98 -5.74 -7.57 4.98
N SER A 99 -6.77 -7.70 5.81
CA SER A 99 -7.59 -8.91 5.80
C SER A 99 -8.38 -9.04 4.50
N ILE A 100 -8.86 -7.91 3.96
CA ILE A 100 -9.60 -7.95 2.69
C ILE A 100 -8.66 -8.30 1.55
N ARG A 101 -7.52 -7.61 1.47
CA ARG A 101 -6.57 -7.87 0.40
C ARG A 101 -6.07 -9.31 0.45
N LEU A 102 -5.88 -9.83 1.67
CA LEU A 102 -5.52 -11.25 1.81
C LEU A 102 -6.66 -12.16 1.40
N PHE A 103 -7.89 -11.80 1.78
CA PHE A 103 -9.04 -12.63 1.44
C PHE A 103 -9.31 -12.65 -0.06
N MET A 104 -8.98 -11.58 -0.77
CA MET A 104 -9.15 -11.58 -2.21
C MET A 104 -8.08 -12.41 -2.92
N ARG A 105 -6.88 -12.48 -2.35
CA ARG A 105 -5.84 -13.31 -2.94
C ARG A 105 -6.00 -14.78 -2.58
N THR A 106 -6.54 -15.07 -1.40
CA THR A 106 -6.66 -16.45 -0.91
C THR A 106 -8.08 -16.98 -0.92
N GLY A 107 -9.06 -16.20 -0.47
CA GLY A 107 -10.39 -16.71 -0.23
C GLY A 107 -10.55 -17.44 1.08
N SER A 108 -9.49 -17.54 1.88
CA SER A 108 -9.53 -18.24 3.15
C SER A 108 -9.92 -17.28 4.28
N TRP A 109 -10.45 -17.86 5.36
CA TRP A 109 -10.83 -17.07 6.53
C TRP A 109 -9.66 -16.81 7.46
N TRP A 110 -8.52 -17.46 7.25
CA TRP A 110 -7.31 -17.12 7.99
C TRP A 110 -6.82 -15.71 7.67
N SER A 111 -7.30 -15.14 6.56
CA SER A 111 -6.92 -13.77 6.21
C SER A 111 -7.36 -12.77 7.28
N PHE A 112 -8.45 -13.06 7.98
CA PHE A 112 -8.95 -12.19 9.03
C PHE A 112 -8.26 -12.41 10.37
N ASN A 113 -7.37 -13.39 10.47
CA ASN A 113 -6.58 -13.59 11.68
C ASN A 113 -5.43 -12.59 11.74
N PRO A 114 -5.46 -11.66 12.69
CA PRO A 114 -4.36 -10.68 12.78
C PRO A 114 -3.03 -11.32 13.15
N GLU A 115 -3.06 -12.48 13.79
CA GLU A 115 -1.84 -13.15 14.22
C GLU A 115 -0.97 -13.61 13.06
N SER A 116 -1.58 -13.82 11.89
CA SER A 116 -0.86 -14.33 10.72
C SER A 116 -1.24 -13.52 9.49
N ASN A 117 -0.23 -13.01 8.78
CA ASN A 117 -0.43 -12.32 7.52
C ASN A 117 0.22 -13.02 6.33
N CYS A 118 0.97 -14.09 6.55
CA CYS A 118 1.53 -14.90 5.48
C CYS A 118 0.72 -16.19 5.37
N LEU A 119 0.24 -16.48 4.17
CA LEU A 119 -0.63 -17.62 3.94
C LEU A 119 -0.06 -18.51 2.84
N LEU A 120 -0.07 -19.81 3.06
CA LEU A 120 0.44 -20.79 2.12
C LEU A 120 -0.74 -21.46 1.42
N ASN A 121 -0.78 -21.36 0.09
CA ASN A 121 -1.86 -21.91 -0.72
C ASN A 121 -1.33 -23.09 -1.52
N VAL A 122 -1.86 -24.28 -1.24
CA VAL A 122 -1.45 -25.51 -1.90
C VAL A 122 -2.69 -26.13 -2.54
N PRO A 123 -2.71 -26.38 -3.84
CA PRO A 123 -3.89 -26.99 -4.49
C PRO A 123 -3.83 -28.51 -4.37
N ILE A 124 -4.77 -29.06 -3.59
CA ILE A 124 -4.86 -30.50 -3.43
C ILE A 124 -6.04 -31.03 -4.23
N GLY A 125 -5.77 -31.47 -5.45
CA GLY A 125 -6.82 -31.99 -6.31
C GLY A 125 -7.79 -30.93 -6.78
N GLY A 126 -9.04 -31.02 -6.33
CA GLY A 126 -10.08 -30.12 -6.78
C GLY A 126 -9.92 -28.70 -6.28
N THR A 127 -9.83 -28.54 -4.96
CA THR A 127 -9.77 -27.24 -4.31
C THR A 127 -8.36 -26.95 -3.83
N THR A 128 -8.19 -25.78 -3.22
CA THR A 128 -6.93 -25.34 -2.67
C THR A 128 -7.08 -25.14 -1.17
N VAL A 129 -6.16 -25.70 -0.40
CA VAL A 129 -6.16 -25.60 1.06
C VAL A 129 -5.13 -24.55 1.47
N VAL A 130 -5.55 -23.61 2.31
CA VAL A 130 -4.72 -22.49 2.75
C VAL A 130 -4.45 -22.64 4.24
N ARG A 131 -3.21 -22.43 4.64
CA ARG A 131 -2.78 -22.49 6.04
C ARG A 131 -1.83 -21.34 6.32
N PRO A 132 -1.86 -20.78 7.52
CA PRO A 132 -1.01 -19.62 7.83
C PRO A 132 0.46 -20.01 7.97
N LEU A 133 1.32 -19.20 7.35
CA LEU A 133 2.76 -19.37 7.43
C LEU A 133 3.33 -18.50 8.54
N VAL A 134 4.11 -19.10 9.44
CA VAL A 134 4.70 -18.36 10.54
C VAL A 134 5.87 -17.52 10.06
N GLU A 135 6.82 -18.15 9.36
CA GLU A 135 8.04 -17.48 8.89
C GLU A 135 7.99 -17.36 7.37
N ASP A 136 7.98 -16.12 6.87
CA ASP A 136 8.03 -15.88 5.43
C ASP A 136 9.43 -16.19 4.93
N SER A 137 9.56 -17.30 4.20
CA SER A 137 10.84 -17.71 3.62
C SER A 137 10.78 -17.68 2.11
N THR A 138 11.96 -17.59 1.50
CA THR A 138 12.06 -17.72 0.05
C THR A 138 11.89 -19.16 -0.42
N SER A 139 11.89 -20.12 0.49
CA SER A 139 11.77 -21.53 0.14
C SER A 139 10.78 -22.21 1.08
N VAL A 140 10.08 -23.22 0.55
CA VAL A 140 9.12 -24.01 1.30
C VAL A 140 9.37 -25.47 1.00
N THR A 141 9.38 -26.29 2.05
CA THR A 141 9.72 -27.70 1.93
C THR A 141 8.45 -28.55 1.94
N ALA A 142 8.32 -29.45 0.97
CA ALA A 142 7.22 -30.38 0.89
C ALA A 142 7.69 -31.77 1.28
N VAL A 143 6.94 -32.41 2.18
CA VAL A 143 7.29 -33.75 2.67
C VAL A 143 6.02 -34.60 2.66
N VAL A 144 6.00 -35.62 1.80
CA VAL A 144 4.90 -36.56 1.70
C VAL A 144 5.34 -37.83 2.43
N THR A 145 4.68 -38.15 3.54
CA THR A 145 4.98 -39.34 4.32
C THR A 145 3.89 -40.38 4.10
N ASP A 146 4.18 -41.35 3.24
CA ASP A 146 3.28 -42.46 2.94
C ASP A 146 1.94 -41.99 2.38
N GLY A 147 1.90 -40.81 1.78
CA GLY A 147 0.67 -40.27 1.24
C GLY A 147 0.04 -39.16 2.04
N TYR A 148 0.77 -38.57 3.00
CA TYR A 148 0.27 -37.46 3.79
C TYR A 148 1.24 -36.29 3.64
N LEU A 149 0.69 -35.14 3.24
CA LEU A 149 1.51 -33.98 2.90
C LEU A 149 1.80 -33.13 4.13
N LYS A 150 3.02 -32.59 4.18
CA LYS A 150 3.43 -31.66 5.24
C LYS A 150 4.27 -30.57 4.60
N MET A 151 3.73 -29.34 4.56
CA MET A 151 4.38 -28.20 3.94
C MET A 151 4.83 -27.23 5.04
N ALA A 152 6.14 -27.01 5.13
CA ALA A 152 6.71 -26.02 6.04
C ALA A 152 6.32 -26.28 7.49
N GLY A 153 6.32 -27.55 7.88
CA GLY A 153 6.10 -27.93 9.26
C GLY A 153 4.67 -28.18 9.67
N MET A 154 3.70 -27.87 8.81
CA MET A 154 2.29 -28.07 9.12
C MET A 154 1.65 -28.97 8.08
N HIS A 155 0.75 -29.83 8.54
CA HIS A 155 0.12 -30.84 7.69
C HIS A 155 -0.96 -30.22 6.80
N PHE A 156 -1.12 -30.81 5.61
CA PHE A 156 -2.13 -30.37 4.66
C PHE A 156 -3.13 -31.48 4.31
N GLY A 157 -3.07 -32.61 5.00
CA GLY A 157 -4.00 -33.69 4.72
C GLY A 157 -3.45 -34.70 3.73
N ALA A 158 -4.36 -35.58 3.30
CA ALA A 158 -3.98 -36.67 2.42
C ALA A 158 -3.72 -36.15 1.00
N CYS A 159 -2.64 -36.63 0.39
CA CYS A 159 -2.31 -36.31 -0.99
C CYS A 159 -1.29 -37.32 -1.48
N ASP A 160 -1.38 -37.66 -2.76
CA ASP A 160 -0.41 -38.55 -3.38
C ASP A 160 0.82 -37.76 -3.79
N PHE A 161 1.99 -38.36 -3.57
CA PHE A 161 3.24 -37.69 -3.92
C PHE A 161 3.33 -37.43 -5.41
N GLN A 162 2.79 -38.35 -6.22
CA GLN A 162 2.73 -38.13 -7.66
C GLN A 162 1.90 -36.90 -7.99
N ARG A 163 0.81 -36.71 -7.25
CA ARG A 163 -0.11 -35.58 -7.44
C ARG A 163 0.30 -34.35 -6.64
N LEU A 164 1.59 -34.00 -6.65
CA LEU A 164 2.07 -32.80 -5.96
C LEU A 164 2.04 -31.60 -6.89
N PRO A 165 1.55 -30.45 -6.44
CA PRO A 165 1.49 -29.27 -7.30
C PRO A 165 2.90 -28.81 -7.69
N SER A 166 3.06 -28.48 -8.97
CA SER A 166 4.33 -27.93 -9.43
C SER A 166 4.55 -26.50 -8.95
N GLU A 167 3.49 -25.80 -8.58
CA GLU A 167 3.58 -24.42 -8.12
C GLU A 167 2.72 -24.24 -6.87
N VAL A 168 3.20 -23.41 -5.96
CA VAL A 168 2.52 -23.13 -4.69
C VAL A 168 2.54 -21.63 -4.46
N THR A 169 1.40 -21.09 -4.03
CA THR A 169 1.22 -19.65 -3.88
C THR A 169 1.37 -19.24 -2.42
N VAL A 170 2.17 -18.19 -2.19
CA VAL A 170 2.25 -17.52 -0.89
C VAL A 170 1.64 -16.14 -1.05
N ALA A 171 0.75 -15.77 -0.12
CA ALA A 171 -0.01 -14.52 -0.22
C ALA A 171 0.22 -13.67 1.01
N LYS A 172 0.95 -12.57 0.82
CA LYS A 172 1.07 -11.51 1.82
C LYS A 172 0.08 -10.40 1.51
N PRO A 173 -0.28 -9.57 2.50
CA PRO A 173 -1.35 -8.57 2.28
C PRO A 173 -1.03 -7.56 1.20
N ASN A 174 0.19 -7.52 0.67
CA ASN A 174 0.56 -6.57 -0.37
C ASN A 174 1.07 -7.20 -1.65
N VAL A 175 1.32 -8.51 -1.69
CA VAL A 175 1.87 -9.15 -2.87
C VAL A 175 1.51 -10.62 -2.82
N LEU A 176 1.36 -11.23 -4.01
CA LEU A 176 1.12 -12.65 -4.15
C LEU A 176 2.33 -13.27 -4.84
N ILE A 177 2.98 -14.21 -4.17
CA ILE A 177 4.22 -14.81 -4.64
C ILE A 177 3.96 -16.23 -5.10
N ALA A 178 4.66 -16.65 -6.15
CA ALA A 178 4.56 -18.00 -6.68
C ALA A 178 5.88 -18.73 -6.45
N LEU A 179 5.79 -20.02 -6.13
CA LEU A 179 6.95 -20.84 -5.83
C LEU A 179 6.99 -22.03 -6.78
N LYS A 180 8.03 -22.09 -7.60
CA LYS A 180 8.21 -23.19 -8.53
C LYS A 180 9.02 -24.31 -7.88
N MET A 181 8.67 -25.55 -8.21
CA MET A 181 9.35 -26.71 -7.66
C MET A 181 10.74 -26.85 -8.28
N ILE A 182 11.77 -26.62 -7.49
CA ILE A 182 13.14 -26.74 -7.97
C ILE A 182 13.64 -28.17 -7.88
N LYS A 183 13.54 -28.79 -6.71
CA LYS A 183 14.05 -30.14 -6.48
C LYS A 183 12.90 -31.07 -6.13
N ARG A 184 13.08 -32.34 -6.45
CA ARG A 184 12.05 -33.36 -6.23
C ARG A 184 12.73 -34.70 -6.01
N GLN A 185 12.49 -35.29 -4.84
CA GLN A 185 13.08 -36.58 -4.48
C GLN A 185 11.99 -37.50 -3.96
N ALA A 186 12.09 -38.78 -4.28
CA ALA A 186 11.13 -39.80 -3.85
C ALA A 186 11.82 -40.75 -2.88
N TYR A 187 11.34 -40.80 -1.64
CA TYR A 187 11.90 -41.71 -0.66
C TYR A 187 11.35 -43.11 -0.82
N GLY A 188 10.06 -43.24 -1.15
CA GLY A 188 9.46 -44.53 -1.38
C GLY A 188 8.51 -44.53 -2.55
N THR A 189 7.54 -45.46 -2.56
CA THR A 189 6.56 -45.48 -3.64
C THR A 189 5.65 -44.27 -3.59
N ASN A 190 5.20 -43.89 -2.39
CA ASN A 190 4.39 -42.70 -2.21
C ASN A 190 5.01 -41.69 -1.25
N SER A 191 6.18 -41.99 -0.70
CA SER A 191 6.90 -41.09 0.18
C SER A 191 7.96 -40.33 -0.61
N GLY A 192 8.06 -39.02 -0.36
CA GLY A 192 9.02 -38.21 -1.08
C GLY A 192 9.15 -36.83 -0.46
N VAL A 193 10.03 -36.03 -1.06
CA VAL A 193 10.31 -34.68 -0.61
C VAL A 193 10.45 -33.78 -1.82
N ALA A 194 10.15 -32.50 -1.64
CA ALA A 194 10.26 -31.52 -2.71
C ALA A 194 10.45 -30.14 -2.10
N ILE A 195 11.00 -29.23 -2.90
CA ILE A 195 11.28 -27.86 -2.47
C ILE A 195 10.71 -26.89 -3.48
N TYR A 196 10.36 -25.70 -3.02
CA TYR A 196 9.79 -24.65 -3.84
C TYR A 196 10.53 -23.34 -3.58
N HIS A 197 10.80 -22.59 -4.64
CA HIS A 197 11.50 -21.33 -4.54
C HIS A 197 10.77 -20.25 -5.33
N ARG A 198 10.87 -19.01 -4.85
CA ARG A 198 10.12 -17.91 -5.42
C ARG A 198 10.85 -17.31 -6.62
N TYR A 199 10.14 -16.43 -7.33
CA TYR A 199 10.70 -15.70 -8.46
C TYR A 199 9.81 -14.51 -8.81
N VAL B 13 -18.66 15.55 40.97
CA VAL B 13 -19.71 14.86 40.23
C VAL B 13 -19.24 14.54 38.82
N LEU B 14 -19.15 15.59 37.99
CA LEU B 14 -18.73 15.40 36.62
C LEU B 14 -17.23 15.18 36.50
N ARG B 15 -16.43 15.80 37.37
CA ARG B 15 -14.99 15.65 37.31
C ARG B 15 -14.57 14.21 37.58
N LEU B 16 -15.18 13.57 38.59
CA LEU B 16 -14.87 12.18 38.87
C LEU B 16 -15.19 11.30 37.66
N VAL B 17 -16.27 11.62 36.94
CA VAL B 17 -16.60 10.87 35.75
C VAL B 17 -15.49 11.00 34.71
N LYS B 18 -14.95 12.21 34.56
CA LYS B 18 -13.98 12.44 33.49
C LYS B 18 -12.68 11.72 33.76
N ASP B 19 -12.15 11.81 34.98
CA ASP B 19 -10.93 11.08 35.31
C ASP B 19 -11.14 9.57 35.17
N TRP B 20 -12.32 9.09 35.55
CA TRP B 20 -12.64 7.67 35.43
C TRP B 20 -12.61 7.23 33.97
N ASN B 21 -13.28 7.97 33.09
CA ASN B 21 -13.35 7.59 31.67
C ASN B 21 -12.00 7.73 30.99
N PHE B 22 -11.22 8.77 31.30
CA PHE B 22 -9.95 8.95 30.62
C PHE B 22 -8.99 7.79 30.89
N THR B 23 -8.92 7.35 32.15
CA THR B 23 -8.02 6.25 32.50
C THR B 23 -8.45 4.97 31.82
N TRP B 24 -9.76 4.68 31.83
CA TRP B 24 -10.28 3.47 31.19
C TRP B 24 -10.13 3.52 29.68
N SER B 25 -10.25 4.72 29.09
CA SER B 25 -10.06 4.85 27.66
C SER B 25 -8.64 4.44 27.25
N VAL B 26 -7.66 4.81 28.08
CA VAL B 26 -6.28 4.41 27.83
C VAL B 26 -6.13 2.89 27.92
N VAL B 27 -6.78 2.28 28.92
CA VAL B 27 -6.67 0.84 29.13
C VAL B 27 -7.33 0.08 27.99
N PHE B 28 -8.52 0.51 27.59
CA PHE B 28 -9.24 -0.22 26.54
C PHE B 28 -8.50 -0.17 25.21
N LEU B 29 -7.90 0.98 24.89
CA LEU B 29 -7.08 1.06 23.68
C LEU B 29 -5.85 0.18 23.79
N LEU B 30 -5.25 0.11 24.99
CA LEU B 30 -4.09 -0.74 25.18
C LEU B 30 -4.46 -2.21 25.01
N ILE B 31 -5.65 -2.60 25.48
CA ILE B 31 -6.11 -3.96 25.26
C ILE B 31 -6.34 -4.22 23.79
N THR B 32 -6.89 -3.24 23.08
CA THR B 32 -7.11 -3.39 21.63
C THR B 32 -5.78 -3.57 20.90
N ILE B 33 -4.75 -2.81 21.29
CA ILE B 33 -3.46 -2.91 20.63
C ILE B 33 -2.85 -4.28 20.85
N VAL B 34 -2.77 -4.73 22.11
CA VAL B 34 -2.17 -6.02 22.40
C VAL B 34 -3.02 -7.18 21.86
N LEU B 35 -4.32 -6.95 21.65
CA LEU B 35 -5.17 -7.99 21.08
C LEU B 35 -5.05 -8.06 19.56
N GLN B 36 -4.56 -6.99 18.93
CA GLN B 36 -4.42 -6.93 17.48
C GLN B 36 -2.99 -7.15 17.01
N TYR B 37 -2.00 -6.65 17.75
CA TYR B 37 -0.60 -6.75 17.37
C TYR B 37 0.24 -7.50 18.38
N GLY B 38 -0.34 -8.02 19.46
CA GLY B 38 0.42 -8.69 20.48
C GLY B 38 0.74 -10.14 20.17
N TYR B 39 1.61 -10.35 19.17
CA TYR B 39 2.02 -11.69 18.76
C TYR B 39 3.50 -11.65 18.41
N PRO B 40 4.27 -12.66 18.83
CA PRO B 40 5.71 -12.67 18.50
C PRO B 40 5.99 -12.73 17.02
N SER B 41 5.01 -13.16 16.20
CA SER B 41 5.18 -13.17 14.76
C SER B 41 4.90 -11.80 14.13
N ARG B 42 4.40 -10.83 14.91
CA ARG B 42 4.12 -9.49 14.43
C ARG B 42 5.11 -8.49 15.01
N SER B 43 5.08 -8.28 16.33
CA SER B 43 5.98 -7.33 16.99
C SER B 43 6.35 -7.88 18.36
N MET B 44 7.63 -8.17 18.55
CA MET B 44 8.10 -8.64 19.84
C MET B 44 7.85 -7.61 20.93
N PHE B 45 7.91 -6.32 20.60
CA PHE B 45 7.68 -5.28 21.60
C PHE B 45 6.24 -5.30 22.08
N VAL B 46 5.28 -5.33 21.16
CA VAL B 46 3.87 -5.37 21.54
C VAL B 46 3.55 -6.66 22.28
N TYR B 47 4.25 -7.75 21.94
CA TYR B 47 4.00 -9.02 22.64
C TYR B 47 4.32 -8.92 24.11
N VAL B 48 5.43 -8.24 24.46
CA VAL B 48 5.78 -8.09 25.87
C VAL B 48 4.76 -7.22 26.59
N ILE B 49 4.20 -6.23 25.91
CA ILE B 49 3.15 -5.41 26.51
C ILE B 49 1.93 -6.27 26.81
N LYS B 50 1.55 -7.14 25.87
CA LYS B 50 0.44 -8.06 26.12
C LYS B 50 0.72 -8.95 27.32
N MET B 51 1.96 -9.44 27.45
CA MET B 51 2.29 -10.32 28.56
C MET B 51 2.25 -9.59 29.89
N PHE B 52 2.65 -8.31 29.91
CA PHE B 52 2.51 -7.52 31.13
C PHE B 52 1.04 -7.22 31.42
N VAL B 53 0.23 -7.03 30.38
CA VAL B 53 -1.20 -6.83 30.59
C VAL B 53 -1.84 -8.11 31.12
N LEU B 54 -1.44 -9.26 30.57
CA LEU B 54 -2.02 -10.52 31.02
C LEU B 54 -1.58 -10.86 32.44
N TRP B 55 -0.34 -10.54 32.80
CA TRP B 55 0.14 -10.79 34.16
C TRP B 55 -0.63 -9.94 35.16
N LEU B 56 -0.96 -8.70 34.79
CA LEU B 56 -1.80 -7.87 35.64
C LEU B 56 -3.27 -8.23 35.55
N LEU B 57 -3.69 -8.88 34.45
CA LEU B 57 -5.10 -9.16 34.26
C LEU B 57 -5.58 -10.30 35.17
N TRP B 58 -4.71 -11.27 35.46
CA TRP B 58 -5.10 -12.39 36.33
C TRP B 58 -5.51 -11.91 37.73
N PRO B 59 -4.68 -11.17 38.47
CA PRO B 59 -5.12 -10.75 39.80
C PRO B 59 -6.22 -9.71 39.76
N ALA B 60 -6.21 -8.82 38.77
CA ALA B 60 -7.26 -7.81 38.65
C ALA B 60 -8.61 -8.47 38.43
N SER B 61 -8.68 -9.45 37.52
CA SER B 61 -9.91 -10.18 37.31
C SER B 61 -10.32 -10.94 38.56
N MET B 62 -9.35 -11.54 39.25
CA MET B 62 -9.65 -12.23 40.51
C MET B 62 -10.15 -11.25 41.56
N ALA B 63 -9.38 -10.18 41.78
CA ALA B 63 -9.76 -9.20 42.80
C ALA B 63 -11.09 -8.54 42.49
N LEU B 64 -11.39 -8.33 41.21
CA LEU B 64 -12.68 -7.75 40.85
C LEU B 64 -13.82 -8.70 41.19
N SER B 65 -13.60 -10.01 41.03
CA SER B 65 -14.61 -10.98 41.42
C SER B 65 -14.73 -11.08 42.93
N ILE B 66 -13.62 -10.92 43.66
CA ILE B 66 -13.68 -10.91 45.12
C ILE B 66 -14.54 -9.75 45.61
N PHE B 67 -14.46 -8.60 44.92
CA PHE B 67 -15.29 -7.46 45.29
C PHE B 67 -16.76 -7.76 45.07
N CYS B 68 -17.11 -8.28 43.88
CA CYS B 68 -18.49 -8.60 43.57
C CYS B 68 -19.04 -9.75 44.41
N ALA B 69 -18.18 -10.48 45.12
CA ALA B 69 -18.64 -11.49 46.06
C ALA B 69 -18.84 -10.94 47.46
N VAL B 70 -18.05 -9.94 47.86
CA VAL B 70 -18.25 -9.29 49.15
C VAL B 70 -19.43 -8.33 49.09
N TYR B 71 -19.60 -7.63 47.97
CA TYR B 71 -20.71 -6.70 47.75
C TYR B 71 -21.50 -7.20 46.54
N PRO B 72 -22.31 -8.24 46.70
CA PRO B 72 -23.04 -8.80 45.57
C PRO B 72 -24.44 -8.21 45.42
N ILE B 73 -25.00 -8.43 44.23
CA ILE B 73 -26.37 -8.01 43.96
C ILE B 73 -27.35 -8.92 44.70
N ASP B 74 -27.14 -10.23 44.60
CA ASP B 74 -27.98 -11.21 45.28
C ASP B 74 -27.12 -12.44 45.58
N LEU B 75 -27.76 -13.49 46.09
CA LEU B 75 -27.03 -14.69 46.48
C LEU B 75 -26.43 -15.40 45.27
N ALA B 76 -27.18 -15.46 44.17
CA ALA B 76 -26.66 -16.08 42.95
C ALA B 76 -25.48 -15.30 42.40
N SER B 77 -25.54 -13.97 42.45
CA SER B 77 -24.40 -13.16 42.01
C SER B 77 -23.19 -13.38 42.90
N GLN B 78 -23.40 -13.61 44.19
CA GLN B 78 -22.29 -13.89 45.09
C GLN B 78 -21.62 -15.22 44.73
N ILE B 79 -22.42 -16.23 44.40
CA ILE B 79 -21.84 -17.54 44.05
C ILE B 79 -21.11 -17.45 42.71
N ILE B 80 -21.71 -16.80 41.72
CA ILE B 80 -21.08 -16.68 40.41
C ILE B 80 -19.76 -15.92 40.53
N SER B 81 -19.73 -14.87 41.36
CA SER B 81 -18.51 -14.12 41.54
C SER B 81 -17.39 -15.00 42.12
N GLY B 82 -17.74 -15.86 43.08
CA GLY B 82 -16.77 -16.78 43.62
C GLY B 82 -16.29 -17.81 42.61
N ILE B 83 -17.17 -18.24 41.72
CA ILE B 83 -16.77 -19.17 40.67
C ILE B 83 -15.81 -18.49 39.70
N LEU B 84 -16.11 -17.25 39.31
CA LEU B 84 -15.22 -16.51 38.44
C LEU B 84 -13.90 -16.18 39.13
N ALA B 85 -13.93 -15.96 40.44
CA ALA B 85 -12.70 -15.70 41.19
C ALA B 85 -11.77 -16.90 41.15
N ALA B 86 -12.31 -18.09 41.43
CA ALA B 86 -11.50 -19.30 41.30
C ALA B 86 -11.08 -19.55 39.86
N THR B 87 -11.91 -19.13 38.90
CA THR B 87 -11.56 -19.31 37.49
C THR B 87 -10.34 -18.48 37.12
N SER B 88 -10.28 -17.22 37.56
CA SER B 88 -9.08 -16.41 37.34
C SER B 88 -7.88 -17.03 38.03
N CYS B 89 -8.09 -17.64 39.20
CA CYS B 89 -6.98 -18.24 39.92
C CYS B 89 -6.54 -19.56 39.29
N ALA B 90 -7.50 -20.35 38.79
CA ALA B 90 -7.15 -21.63 38.18
C ALA B 90 -6.42 -21.44 36.87
N MET B 91 -6.79 -20.41 36.10
CA MET B 91 -6.11 -20.16 34.83
C MET B 91 -4.67 -19.71 35.05
N TRP B 92 -4.42 -18.91 36.10
CA TRP B 92 -3.05 -18.49 36.39
C TRP B 92 -2.21 -19.67 36.85
N ILE B 93 -2.77 -20.52 37.72
CA ILE B 93 -2.05 -21.72 38.16
C ILE B 93 -1.76 -22.63 36.98
N SER B 94 -2.74 -22.81 36.10
CA SER B 94 -2.54 -23.63 34.92
C SER B 94 -1.43 -23.07 34.04
N TYR B 95 -1.46 -21.75 33.78
CA TYR B 95 -0.43 -21.13 32.96
C TYR B 95 0.95 -21.30 33.60
N PHE B 96 1.04 -21.08 34.91
CA PHE B 96 2.33 -21.15 35.58
C PHE B 96 2.88 -22.58 35.57
N VAL B 97 1.99 -23.57 35.69
CA VAL B 97 2.44 -24.97 35.70
C VAL B 97 3.02 -25.35 34.34
N GLN B 98 2.32 -25.00 33.26
CA GLN B 98 2.80 -25.34 31.93
C GLN B 98 4.08 -24.58 31.60
N SER B 99 4.11 -23.28 31.89
CA SER B 99 5.27 -22.47 31.54
C SER B 99 6.49 -22.89 32.33
N ILE B 100 6.31 -23.25 33.61
CA ILE B 100 7.43 -23.70 34.43
C ILE B 100 7.94 -25.05 33.95
N ARG B 101 7.03 -26.01 33.75
CA ARG B 101 7.44 -27.33 33.30
C ARG B 101 8.12 -27.26 31.94
N LEU B 102 7.63 -26.38 31.06
CA LEU B 102 8.30 -26.18 29.77
C LEU B 102 9.66 -25.51 29.96
N PHE B 103 9.74 -24.53 30.86
CA PHE B 103 11.01 -23.84 31.07
C PHE B 103 12.05 -24.76 31.69
N MET B 104 11.63 -25.74 32.49
CA MET B 104 12.59 -26.68 33.04
C MET B 104 13.08 -27.67 32.01
N ARG B 105 12.24 -28.00 31.02
CA ARG B 105 12.66 -28.90 29.96
C ARG B 105 13.47 -28.17 28.89
N THR B 106 13.19 -26.89 28.65
CA THR B 106 13.82 -26.12 27.59
C THR B 106 14.82 -25.09 28.10
N GLY B 107 14.45 -24.32 29.13
CA GLY B 107 15.22 -23.17 29.52
C GLY B 107 14.97 -21.92 28.68
N SER B 108 14.10 -22.00 27.69
CA SER B 108 13.80 -20.89 26.81
C SER B 108 12.64 -20.06 27.37
N TRP B 109 12.60 -18.79 26.95
CA TRP B 109 11.53 -17.90 27.38
C TRP B 109 10.27 -18.04 26.55
N TRP B 110 10.31 -18.77 25.43
CA TRP B 110 9.09 -19.09 24.71
C TRP B 110 8.16 -19.98 25.52
N SER B 111 8.67 -20.63 26.57
CA SER B 111 7.83 -21.45 27.43
C SER B 111 6.74 -20.64 28.10
N PHE B 112 6.99 -19.36 28.36
CA PHE B 112 6.00 -18.49 28.98
C PHE B 112 5.01 -17.92 27.99
N ASN B 113 5.19 -18.17 26.69
CA ASN B 113 4.24 -17.75 25.68
C ASN B 113 3.03 -18.68 25.67
N PRO B 114 1.86 -18.19 26.08
CA PRO B 114 0.67 -19.07 26.07
C PRO B 114 0.26 -19.51 24.68
N GLU B 115 0.64 -18.76 23.65
CA GLU B 115 0.25 -19.08 22.28
C GLU B 115 0.89 -20.36 21.78
N SER B 116 2.01 -20.78 22.37
CA SER B 116 2.73 -21.96 21.91
C SER B 116 3.13 -22.81 23.11
N ASN B 117 2.78 -24.10 23.06
CA ASN B 117 3.22 -25.05 24.06
C ASN B 117 4.10 -26.16 23.50
N CYS B 118 4.31 -26.21 22.19
CA CYS B 118 5.24 -27.15 21.56
C CYS B 118 6.50 -26.39 21.18
N LEU B 119 7.65 -26.89 21.64
CA LEU B 119 8.94 -26.24 21.44
C LEU B 119 9.91 -27.21 20.80
N LEU B 120 10.63 -26.73 19.79
CA LEU B 120 11.62 -27.52 19.07
C LEU B 120 13.01 -27.13 19.55
N ASN B 121 13.76 -28.08 20.08
CA ASN B 121 15.10 -27.85 20.61
C ASN B 121 16.12 -28.49 19.69
N VAL B 122 16.96 -27.67 19.06
CA VAL B 122 17.97 -28.12 18.13
C VAL B 122 19.33 -27.64 18.62
N PRO B 123 20.30 -28.52 18.84
CA PRO B 123 21.63 -28.10 19.30
C PRO B 123 22.51 -27.68 18.13
N ILE B 124 22.82 -26.38 18.08
CA ILE B 124 23.70 -25.85 17.03
C ILE B 124 25.06 -25.53 17.65
N GLY B 125 25.99 -26.49 17.54
CA GLY B 125 27.32 -26.30 18.07
C GLY B 125 27.36 -26.25 19.59
N GLY B 126 27.71 -25.09 20.13
CA GLY B 126 27.85 -24.94 21.57
C GLY B 126 26.54 -24.98 22.32
N THR B 127 25.60 -24.11 21.95
CA THR B 127 24.34 -23.99 22.66
C THR B 127 23.21 -24.66 21.88
N THR B 128 22.00 -24.59 22.43
CA THR B 128 20.80 -25.13 21.82
C THR B 128 19.82 -24.01 21.56
N VAL B 129 19.28 -23.96 20.34
CA VAL B 129 18.31 -22.94 19.95
C VAL B 129 16.91 -23.56 20.01
N VAL B 130 16.00 -22.87 20.70
CA VAL B 130 14.64 -23.34 20.89
C VAL B 130 13.70 -22.41 20.14
N ARG B 131 12.75 -22.99 19.41
CA ARG B 131 11.75 -22.25 18.66
C ARG B 131 10.40 -22.91 18.84
N PRO B 132 9.32 -22.13 18.86
CA PRO B 132 7.99 -22.72 19.08
C PRO B 132 7.50 -23.48 17.86
N LEU B 133 6.96 -24.67 18.10
CA LEU B 133 6.36 -25.50 17.06
C LEU B 133 4.86 -25.26 17.02
N VAL B 134 4.34 -24.95 15.82
CA VAL B 134 2.91 -24.72 15.68
C VAL B 134 2.14 -26.03 15.71
N GLU B 135 2.54 -26.98 14.88
CA GLU B 135 1.85 -28.26 14.75
C GLU B 135 2.73 -29.37 15.30
N ASP B 136 2.26 -30.02 16.37
CA ASP B 136 2.98 -31.15 16.94
C ASP B 136 2.85 -32.35 16.02
N SER B 137 3.94 -32.70 15.35
CA SER B 137 3.98 -33.84 14.45
C SER B 137 4.92 -34.90 14.98
N THR B 138 4.71 -36.14 14.50
CA THR B 138 5.64 -37.21 14.80
C THR B 138 6.94 -37.10 14.01
N SER B 139 7.00 -36.19 13.03
CA SER B 139 8.18 -36.02 12.20
C SER B 139 8.48 -34.55 12.04
N VAL B 140 9.78 -34.25 11.91
CA VAL B 140 10.27 -32.88 11.69
C VAL B 140 11.30 -32.93 10.57
N THR B 141 11.19 -32.01 9.62
CA THR B 141 12.04 -31.98 8.44
C THR B 141 13.10 -30.91 8.59
N ALA B 142 14.36 -31.29 8.36
CA ALA B 142 15.50 -30.39 8.39
C ALA B 142 15.95 -30.11 6.96
N VAL B 143 16.15 -28.84 6.65
CA VAL B 143 16.57 -28.41 5.31
C VAL B 143 17.69 -27.40 5.47
N VAL B 144 18.90 -27.77 5.03
CA VAL B 144 20.06 -26.90 5.04
C VAL B 144 20.25 -26.36 3.63
N THR B 145 20.07 -25.05 3.47
CA THR B 145 20.22 -24.38 2.18
C THR B 145 21.53 -23.60 2.19
N ASP B 146 22.55 -24.17 1.55
CA ASP B 146 23.87 -23.55 1.40
C ASP B 146 24.52 -23.25 2.75
N GLY B 147 24.14 -23.98 3.80
CA GLY B 147 24.68 -23.78 5.12
C GLY B 147 23.75 -23.08 6.11
N TYR B 148 22.50 -22.84 5.73
CA TYR B 148 21.53 -22.22 6.62
C TYR B 148 20.41 -23.22 6.91
N LEU B 149 20.11 -23.41 8.19
CA LEU B 149 19.19 -24.45 8.64
C LEU B 149 17.77 -23.93 8.70
N LYS B 150 16.81 -24.80 8.35
CA LYS B 150 15.39 -24.49 8.44
C LYS B 150 14.68 -25.74 8.95
N MET B 151 14.18 -25.69 10.17
CA MET B 151 13.53 -26.82 10.82
C MET B 151 12.03 -26.57 10.89
N ALA B 152 11.24 -27.43 10.23
CA ALA B 152 9.79 -27.40 10.31
C ALA B 152 9.22 -26.06 9.88
N GLY B 153 9.79 -25.47 8.83
CA GLY B 153 9.27 -24.27 8.24
C GLY B 153 9.83 -22.97 8.79
N MET B 154 10.60 -23.02 9.86
CA MET B 154 11.18 -21.82 10.47
C MET B 154 12.70 -21.94 10.49
N HIS B 155 13.38 -20.83 10.27
CA HIS B 155 14.83 -20.83 10.16
C HIS B 155 15.48 -20.94 11.53
N PHE B 156 16.63 -21.61 11.56
CA PHE B 156 17.39 -21.79 12.79
C PHE B 156 18.80 -21.24 12.72
N GLY B 157 19.14 -20.52 11.65
CA GLY B 157 20.46 -19.94 11.52
C GLY B 157 21.43 -20.81 10.75
N ALA B 158 22.69 -20.38 10.79
CA ALA B 158 23.74 -21.05 10.05
C ALA B 158 24.14 -22.36 10.71
N CYS B 159 24.33 -23.39 9.89
CA CYS B 159 24.80 -24.68 10.38
C CYS B 159 25.27 -25.50 9.18
N ASP B 160 26.30 -26.32 9.41
CA ASP B 160 26.81 -27.20 8.38
C ASP B 160 25.95 -28.46 8.31
N PHE B 161 25.68 -28.92 7.07
CA PHE B 161 24.85 -30.10 6.90
C PHE B 161 25.47 -31.34 7.53
N GLN B 162 26.80 -31.46 7.44
CA GLN B 162 27.47 -32.58 8.09
C GLN B 162 27.32 -32.51 9.60
N ARG B 163 27.38 -31.31 10.17
CA ARG B 163 27.18 -31.12 11.61
C ARG B 163 25.70 -30.95 11.95
N LEU B 164 24.86 -31.80 11.38
CA LEU B 164 23.44 -31.76 11.72
C LEU B 164 23.20 -32.67 12.92
N PRO B 165 22.43 -32.24 13.91
CA PRO B 165 22.23 -33.07 15.10
C PRO B 165 21.55 -34.40 14.76
N SER B 166 22.08 -35.48 15.31
CA SER B 166 21.45 -36.78 15.13
C SER B 166 20.15 -36.91 15.90
N GLU B 167 19.95 -36.09 16.94
CA GLU B 167 18.75 -36.13 17.75
C GLU B 167 18.27 -34.71 17.99
N VAL B 168 16.95 -34.52 18.02
CA VAL B 168 16.33 -33.22 18.23
C VAL B 168 15.19 -33.40 19.23
N THR B 169 15.10 -32.49 20.19
CA THR B 169 14.17 -32.59 21.30
C THR B 169 12.94 -31.72 21.04
N VAL B 170 11.76 -32.29 21.21
CA VAL B 170 10.51 -31.55 21.25
C VAL B 170 9.98 -31.61 22.67
N ALA B 171 9.56 -30.45 23.20
CA ALA B 171 9.18 -30.33 24.60
C ALA B 171 7.76 -29.80 24.69
N LYS B 172 6.83 -30.67 25.10
CA LYS B 172 5.49 -30.30 25.49
C LYS B 172 5.41 -30.15 27.00
N PRO B 173 4.45 -29.40 27.53
CA PRO B 173 4.42 -29.12 28.97
C PRO B 173 4.26 -30.35 29.86
N ASN B 174 4.00 -31.53 29.28
CA ASN B 174 3.84 -32.74 30.07
C ASN B 174 4.79 -33.87 29.69
N VAL B 175 5.55 -33.74 28.60
CA VAL B 175 6.45 -34.81 28.16
C VAL B 175 7.54 -34.20 27.29
N LEU B 176 8.72 -34.81 27.33
CA LEU B 176 9.84 -34.44 26.48
C LEU B 176 10.12 -35.58 25.52
N ILE B 177 10.03 -35.30 24.22
CA ILE B 177 10.15 -36.31 23.17
C ILE B 177 11.47 -36.13 22.44
N ALA B 178 12.07 -37.24 22.04
CA ALA B 178 13.31 -37.24 21.28
C ALA B 178 13.05 -37.75 19.86
N LEU B 179 13.72 -37.14 18.88
CA LEU B 179 13.55 -37.46 17.47
C LEU B 179 14.88 -37.90 16.88
N LYS B 180 14.96 -39.16 16.45
CA LYS B 180 16.18 -39.68 15.84
C LYS B 180 16.14 -39.46 14.33
N MET B 181 17.30 -39.18 13.75
CA MET B 181 17.41 -38.92 12.32
C MET B 181 17.27 -40.24 11.56
N ILE B 182 16.17 -40.38 10.82
CA ILE B 182 15.93 -41.59 10.04
C ILE B 182 16.58 -41.51 8.67
N LYS B 183 16.30 -40.45 7.92
CA LYS B 183 16.81 -40.30 6.56
C LYS B 183 17.71 -39.08 6.46
N ARG B 184 18.65 -39.12 5.53
CA ARG B 184 19.63 -38.05 5.36
C ARG B 184 20.05 -38.00 3.89
N GLN B 185 19.81 -36.87 3.25
CA GLN B 185 20.15 -36.67 1.84
C GLN B 185 20.91 -35.36 1.69
N ALA B 186 21.90 -35.37 0.80
CA ALA B 186 22.73 -34.19 0.55
C ALA B 186 22.46 -33.70 -0.86
N TYR B 187 21.94 -32.47 -0.97
CA TYR B 187 21.68 -31.88 -2.28
C TYR B 187 22.94 -31.31 -2.91
N GLY B 188 23.81 -30.70 -2.09
CA GLY B 188 25.06 -30.16 -2.58
C GLY B 188 26.22 -30.42 -1.64
N THR B 189 27.25 -29.57 -1.71
CA THR B 189 28.37 -29.71 -0.80
C THR B 189 27.97 -29.40 0.63
N ASN B 190 27.19 -28.33 0.83
CA ASN B 190 26.69 -27.96 2.14
C ASN B 190 25.16 -27.92 2.18
N SER B 191 24.49 -28.19 1.07
CA SER B 191 23.03 -28.24 1.02
C SER B 191 22.54 -29.67 1.15
N GLY B 192 21.50 -29.86 1.95
CA GLY B 192 20.99 -31.20 2.17
C GLY B 192 19.66 -31.17 2.90
N VAL B 193 19.11 -32.36 3.11
CA VAL B 193 17.83 -32.53 3.79
C VAL B 193 17.93 -33.73 4.72
N ALA B 194 17.11 -33.71 5.78
CA ALA B 194 17.09 -34.80 6.74
C ALA B 194 15.73 -34.80 7.44
N ILE B 195 15.39 -35.95 8.01
CA ILE B 195 14.11 -36.13 8.69
C ILE B 195 14.36 -36.73 10.07
N TYR B 196 13.44 -36.44 10.99
CA TYR B 196 13.54 -36.91 12.37
C TYR B 196 12.19 -37.52 12.78
N HIS B 197 12.24 -38.64 13.49
CA HIS B 197 11.04 -39.33 13.95
C HIS B 197 11.16 -39.67 15.43
N ARG B 198 10.02 -39.68 16.11
CA ARG B 198 9.98 -39.88 17.55
C ARG B 198 10.01 -41.37 17.90
N TYR B 199 10.19 -41.64 19.19
CA TYR B 199 10.17 -43.00 19.71
C TYR B 199 10.01 -42.99 21.23
N VAL C 13 -17.16 49.79 4.89
CA VAL C 13 -18.23 49.10 4.16
C VAL C 13 -17.76 48.75 2.75
N LEU C 14 -17.66 49.77 1.91
CA LEU C 14 -17.25 49.56 0.52
C LEU C 14 -15.75 49.33 0.40
N ARG C 15 -14.95 49.95 1.28
CA ARG C 15 -13.51 49.77 1.22
C ARG C 15 -13.12 48.33 1.53
N LEU C 16 -13.75 47.72 2.53
CA LEU C 16 -13.47 46.33 2.84
C LEU C 16 -13.78 45.43 1.66
N VAL C 17 -14.85 45.74 0.92
CA VAL C 17 -15.20 44.98 -0.28
C VAL C 17 -14.09 45.10 -1.31
N LYS C 18 -13.53 46.30 -1.47
CA LYS C 18 -12.54 46.51 -2.54
C LYS C 18 -11.25 45.76 -2.26
N ASP C 19 -10.72 45.88 -1.04
CA ASP C 19 -9.50 45.14 -0.70
C ASP C 19 -9.73 43.64 -0.79
N TRP C 20 -10.90 43.18 -0.35
CA TRP C 20 -11.24 41.76 -0.38
C TRP C 20 -11.28 41.25 -1.82
N ASN C 21 -11.97 41.98 -2.70
CA ASN C 21 -12.08 41.56 -4.10
C ASN C 21 -10.74 41.64 -4.82
N PHE C 22 -9.92 42.66 -4.54
CA PHE C 22 -8.66 42.80 -5.25
C PHE C 22 -7.75 41.61 -5.00
N THR C 23 -7.66 41.15 -3.76
CA THR C 23 -6.81 40.01 -3.44
C THR C 23 -7.31 38.75 -4.13
N TRP C 24 -8.62 38.51 -4.10
CA TRP C 24 -9.16 37.30 -4.73
C TRP C 24 -9.03 37.34 -6.24
N SER C 25 -9.11 38.53 -6.85
CA SER C 25 -8.92 38.62 -8.29
C SER C 25 -7.50 38.19 -8.69
N VAL C 26 -6.51 38.59 -7.89
CA VAL C 26 -5.14 38.16 -8.15
C VAL C 26 -5.00 36.65 -7.98
N VAL C 27 -5.61 36.10 -6.93
CA VAL C 27 -5.47 34.67 -6.65
C VAL C 27 -6.16 33.84 -7.73
N PHE C 28 -7.38 34.22 -8.08
CA PHE C 28 -8.13 33.45 -9.07
C PHE C 28 -7.44 33.50 -10.43
N LEU C 29 -6.88 34.64 -10.79
CA LEU C 29 -6.10 34.70 -12.02
C LEU C 29 -4.88 33.80 -11.92
N LEU C 30 -4.24 33.77 -10.75
CA LEU C 30 -3.10 32.89 -10.56
C LEU C 30 -3.50 31.43 -10.70
N ILE C 31 -4.68 31.08 -10.20
CA ILE C 31 -5.18 29.70 -10.36
C ILE C 31 -5.41 29.40 -11.84
N THR C 32 -5.94 30.38 -12.59
CA THR C 32 -6.16 30.18 -14.01
C THR C 32 -4.84 29.94 -14.75
N ILE C 33 -3.79 30.69 -14.37
CA ILE C 33 -2.50 30.55 -15.03
C ILE C 33 -1.91 29.17 -14.77
N VAL C 34 -1.86 28.75 -13.50
CA VAL C 34 -1.29 27.45 -13.17
C VAL C 34 -2.16 26.31 -13.69
N LEU C 35 -3.45 26.54 -13.90
CA LEU C 35 -4.31 25.51 -14.44
C LEU C 35 -4.20 25.39 -15.95
N GLN C 36 -3.70 26.43 -16.62
CA GLN C 36 -3.58 26.45 -18.07
C GLN C 36 -2.16 26.18 -18.56
N TYR C 37 -1.16 26.68 -17.85
CA TYR C 37 0.23 26.52 -18.24
C TYR C 37 1.09 25.81 -17.21
N GLY C 38 0.50 25.35 -16.11
CA GLY C 38 1.26 24.70 -15.07
C GLY C 38 1.54 23.24 -15.35
N TYR C 39 2.37 22.97 -16.35
CA TYR C 39 2.74 21.62 -16.73
C TYR C 39 4.21 21.60 -17.11
N PRO C 40 4.95 20.58 -16.69
CA PRO C 40 6.39 20.53 -17.04
C PRO C 40 6.64 20.43 -18.53
N SER C 41 5.64 20.02 -19.32
CA SER C 41 5.78 19.99 -20.76
C SER C 41 5.53 21.35 -21.40
N ARG C 42 5.07 22.34 -20.64
CA ARG C 42 4.83 23.68 -21.15
C ARG C 42 5.84 24.67 -20.57
N SER C 43 5.82 24.91 -19.27
CA SER C 43 6.72 25.86 -18.63
C SER C 43 7.10 25.33 -17.26
N MET C 44 8.40 25.03 -17.08
CA MET C 44 8.88 24.58 -15.77
C MET C 44 8.65 25.63 -14.70
N PHE C 45 8.73 26.91 -15.07
CA PHE C 45 8.53 27.97 -14.10
C PHE C 45 7.09 28.00 -13.60
N VAL C 46 6.13 27.96 -14.53
CA VAL C 46 4.72 27.95 -14.12
C VAL C 46 4.39 26.68 -13.36
N TYR C 47 5.08 25.58 -13.67
CA TYR C 47 4.82 24.33 -12.97
C TYR C 47 5.15 24.44 -11.48
N VAL C 48 6.26 25.10 -11.15
CA VAL C 48 6.63 25.27 -9.74
C VAL C 48 5.63 26.19 -9.03
N ILE C 49 5.10 27.19 -9.74
CA ILE C 49 4.06 28.03 -9.15
C ILE C 49 2.82 27.20 -8.84
N LYS C 50 2.44 26.32 -9.76
CA LYS C 50 1.31 25.43 -9.49
C LYS C 50 1.56 24.57 -8.27
N MET C 51 2.79 24.05 -8.13
CA MET C 51 3.10 23.20 -6.99
C MET C 51 3.05 23.98 -5.68
N PHE C 52 3.55 25.23 -5.69
N PHE C 52 3.55 25.22 -5.71
CA PHE C 52 3.41 26.06 -4.51
CA PHE C 52 3.42 26.08 -4.53
C PHE C 52 1.95 26.39 -4.22
C PHE C 52 1.96 26.40 -4.23
N VAL C 53 1.12 26.52 -5.26
CA VAL C 53 -0.30 26.77 -5.05
C VAL C 53 -0.98 25.53 -4.48
N LEU C 54 -0.63 24.35 -5.00
CA LEU C 54 -1.24 23.12 -4.51
C LEU C 54 -0.82 22.80 -3.09
N TRP C 55 0.46 23.04 -2.75
CA TRP C 55 0.91 22.81 -1.40
C TRP C 55 0.22 23.73 -0.40
N LEU C 56 -0.09 24.96 -0.81
CA LEU C 56 -0.90 25.85 0.02
C LEU C 56 -2.38 25.53 -0.05
N LEU C 57 -2.83 24.87 -1.13
CA LEU C 57 -4.25 24.62 -1.28
C LEU C 57 -4.73 23.52 -0.33
N TRP C 58 -3.89 22.55 -0.02
CA TRP C 58 -4.29 21.47 0.88
C TRP C 58 -4.67 21.99 2.27
N PRO C 59 -3.82 22.74 2.98
CA PRO C 59 -4.24 23.21 4.31
C PRO C 59 -5.33 24.26 4.25
N ALA C 60 -5.31 25.13 3.23
CA ALA C 60 -6.36 26.13 3.09
C ALA C 60 -7.72 25.49 2.87
N SER C 61 -7.79 24.48 1.99
CA SER C 61 -9.02 23.74 1.79
C SER C 61 -9.45 23.03 3.06
N MET C 62 -8.49 22.43 3.78
CA MET C 62 -8.80 21.80 5.05
C MET C 62 -9.25 22.83 6.08
N ALA C 63 -8.48 23.90 6.27
CA ALA C 63 -8.82 24.91 7.26
C ALA C 63 -10.14 25.59 6.94
N LEU C 64 -10.45 25.76 5.66
CA LEU C 64 -11.74 26.37 5.30
C LEU C 64 -12.89 25.45 5.66
N SER C 65 -12.70 24.14 5.53
CA SER C 65 -13.73 23.20 5.96
C SER C 65 -13.83 23.13 7.47
N ILE C 66 -12.71 23.29 8.18
CA ILE C 66 -12.76 23.33 9.64
C ILE C 66 -13.59 24.51 10.10
N PHE C 67 -13.49 25.64 9.41
CA PHE C 67 -14.31 26.81 9.75
C PHE C 67 -15.79 26.53 9.55
N CYS C 68 -16.14 25.99 8.38
CA CYS C 68 -17.54 25.68 8.09
C CYS C 68 -18.08 24.55 8.95
N ALA C 69 -17.22 23.84 9.66
CA ALA C 69 -17.67 22.85 10.64
C ALA C 69 -17.88 23.46 12.02
N VAL C 70 -17.07 24.45 12.37
CA VAL C 70 -17.26 25.16 13.63
C VAL C 70 -18.42 26.12 13.53
N TYR C 71 -18.57 26.80 12.38
CA TYR C 71 -19.66 27.72 12.12
C TYR C 71 -20.44 27.22 10.93
N PRO C 72 -21.27 26.19 11.10
CA PRO C 72 -22.02 25.63 9.98
C PRO C 72 -23.40 26.26 9.81
N ILE C 73 -23.97 26.02 8.63
CA ILE C 73 -25.33 26.48 8.37
C ILE C 73 -26.33 25.62 9.15
N ASP C 74 -26.17 24.30 9.08
CA ASP C 74 -27.01 23.37 9.81
C ASP C 74 -26.19 22.13 10.12
N LEU C 75 -26.85 21.11 10.67
CA LEU C 75 -26.14 19.89 11.08
C LEU C 75 -25.59 19.15 9.87
N ALA C 76 -26.35 19.10 8.78
CA ALA C 76 -25.87 18.44 7.57
C ALA C 76 -24.67 19.17 6.98
N SER C 77 -24.68 20.51 7.02
CA SER C 77 -23.53 21.26 6.56
C SER C 77 -22.32 21.04 7.46
N GLN C 78 -22.54 20.85 8.76
CA GLN C 78 -21.43 20.56 9.66
C GLN C 78 -20.80 19.20 9.33
N ILE C 79 -21.63 18.21 9.01
CA ILE C 79 -21.10 16.89 8.69
C ILE C 79 -20.37 16.91 7.35
N ILE C 80 -20.95 17.56 6.34
CA ILE C 80 -20.32 17.63 5.03
C ILE C 80 -18.98 18.34 5.13
N SER C 81 -18.90 19.41 5.93
CA SER C 81 -17.66 20.14 6.09
C SER C 81 -16.57 19.25 6.69
N GLY C 82 -16.93 18.43 7.69
CA GLY C 82 -15.98 17.50 8.25
C GLY C 82 -15.53 16.42 7.27
N ILE C 83 -16.44 15.99 6.38
CA ILE C 83 -16.07 15.03 5.36
C ILE C 83 -15.09 15.64 4.37
N LEU C 84 -15.35 16.88 3.95
CA LEU C 84 -14.44 17.56 3.05
C LEU C 84 -13.10 17.87 3.73
N ALA C 85 -13.12 18.13 5.04
CA ALA C 85 -11.88 18.37 5.76
C ALA C 85 -10.98 17.15 5.75
N ALA C 86 -11.55 15.97 6.05
CA ALA C 86 -10.79 14.74 5.95
C ALA C 86 -10.38 14.45 4.52
N THR C 87 -11.20 14.85 3.55
CA THR C 87 -10.87 14.63 2.14
C THR C 87 -9.64 15.43 1.74
N SER C 88 -9.57 16.70 2.14
CA SER C 88 -8.38 17.49 1.89
C SER C 88 -7.16 16.89 2.59
N CYS C 89 -7.36 16.33 3.78
CA CYS C 89 -6.25 15.73 4.51
C CYS C 89 -5.85 14.38 3.92
N ALA C 90 -6.82 13.60 3.46
CA ALA C 90 -6.51 12.29 2.89
C ALA C 90 -5.78 12.43 1.56
N MET C 91 -6.14 13.43 0.76
CA MET C 91 -5.46 13.63 -0.52
C MET C 91 -4.02 14.07 -0.32
N TRP C 92 -3.75 14.89 0.69
CA TRP C 92 -2.37 15.29 0.97
C TRP C 92 -1.55 14.11 1.46
N ILE C 93 -2.10 13.30 2.36
CA ILE C 93 -1.39 12.12 2.82
C ILE C 93 -1.13 11.16 1.66
N SER C 94 -2.14 10.97 0.80
CA SER C 94 -1.97 10.11 -0.37
C SER C 94 -0.87 10.63 -1.27
N TYR C 95 -0.87 11.94 -1.57
CA TYR C 95 0.17 12.52 -2.39
C TYR C 95 1.54 12.35 -1.75
N PHE C 96 1.65 12.60 -0.44
CA PHE C 96 2.94 12.51 0.22
C PHE C 96 3.45 11.08 0.26
N VAL C 97 2.57 10.10 0.42
CA VAL C 97 2.99 8.70 0.48
C VAL C 97 3.54 8.26 -0.87
N GLN C 98 2.83 8.58 -1.95
CA GLN C 98 3.29 8.19 -3.28
C GLN C 98 4.58 8.92 -3.65
N SER C 99 4.63 10.22 -3.40
CA SER C 99 5.81 11.01 -3.78
C SER C 99 7.03 10.59 -2.99
N ILE C 100 6.86 10.26 -1.70
CA ILE C 100 7.99 9.82 -0.88
C ILE C 100 8.46 8.45 -1.33
N ARG C 101 7.53 7.51 -1.49
CA ARG C 101 7.90 6.16 -1.92
C ARG C 101 8.56 6.18 -3.28
N LEU C 102 8.08 7.05 -4.18
CA LEU C 102 8.74 7.21 -5.48
C LEU C 102 10.11 7.85 -5.32
N PHE C 103 10.24 8.85 -4.45
CA PHE C 103 11.52 9.52 -4.26
C PHE C 103 12.55 8.60 -3.63
N MET C 104 12.12 7.64 -2.81
CA MET C 104 13.06 6.69 -2.23
C MET C 104 13.52 5.67 -3.27
N ARG C 105 12.66 5.32 -4.22
CA ARG C 105 13.06 4.39 -5.27
C ARG C 105 13.87 5.06 -6.37
N THR C 106 13.61 6.34 -6.63
CA THR C 106 14.26 7.07 -7.71
C THR C 106 15.29 8.09 -7.25
N GLY C 107 14.96 8.88 -6.23
CA GLY C 107 15.77 10.03 -5.89
C GLY C 107 15.52 11.25 -6.74
N SER C 108 14.61 11.17 -7.71
CA SER C 108 14.31 12.27 -8.61
C SER C 108 13.20 13.14 -8.04
N TRP C 109 13.18 14.40 -8.47
CA TRP C 109 12.15 15.34 -8.04
C TRP C 109 10.88 15.22 -8.87
N TRP C 110 10.90 14.46 -9.97
CA TRP C 110 9.66 14.16 -10.68
C TRP C 110 8.72 13.30 -9.85
N SER C 111 9.24 12.68 -8.78
CA SER C 111 8.38 11.89 -7.90
C SER C 111 7.31 12.74 -7.24
N PHE C 112 7.59 14.03 -7.01
CA PHE C 112 6.61 14.92 -6.40
C PHE C 112 5.63 15.50 -7.40
N ASN C 113 5.79 15.21 -8.69
CA ASN C 113 4.83 15.64 -9.70
C ASN C 113 3.62 14.73 -9.69
N PRO C 114 2.44 15.23 -9.28
CA PRO C 114 1.25 14.39 -9.27
C PRO C 114 0.83 13.93 -10.65
N GLU C 115 1.21 14.66 -11.69
CA GLU C 115 0.81 14.33 -13.06
C GLU C 115 1.42 13.02 -13.55
N SER C 116 2.53 12.59 -12.96
CA SER C 116 3.23 11.38 -13.38
C SER C 116 3.61 10.54 -12.18
N ASN C 117 3.23 9.27 -12.19
CA ASN C 117 3.64 8.32 -11.16
C ASN C 117 4.50 7.17 -11.68
N CYS C 118 4.70 7.08 -13.00
CA CYS C 118 5.61 6.11 -13.58
C CYS C 118 6.88 6.83 -14.00
N LEU C 119 8.03 6.32 -13.53
CA LEU C 119 9.32 6.96 -13.76
C LEU C 119 10.28 5.98 -14.40
N LEU C 120 11.00 6.43 -15.42
CA LEU C 120 11.97 5.60 -16.14
C LEU C 120 13.37 5.99 -15.69
N ASN C 121 14.11 5.01 -15.16
CA ASN C 121 15.46 5.23 -14.65
C ASN C 121 16.47 4.56 -15.58
N VAL C 122 17.31 5.36 -16.21
CA VAL C 122 18.32 4.87 -17.15
C VAL C 122 19.68 5.34 -16.65
N PRO C 123 20.64 4.44 -16.41
CA PRO C 123 21.97 4.84 -15.95
C PRO C 123 22.86 5.22 -17.12
N ILE C 124 23.20 6.50 -17.21
CA ILE C 124 24.08 6.99 -18.28
C ILE C 124 25.45 7.28 -17.68
N GLY C 125 26.35 6.30 -17.77
CA GLY C 125 27.70 6.46 -17.25
C GLY C 125 27.74 6.52 -15.74
N GLY C 126 28.12 7.68 -15.20
CA GLY C 126 28.29 7.83 -13.77
C GLY C 126 26.99 7.80 -12.99
N THR C 127 26.05 8.69 -13.35
CA THR C 127 24.80 8.86 -12.64
C THR C 127 23.66 8.23 -13.43
N THR C 128 22.45 8.34 -12.86
CA THR C 128 21.24 7.82 -13.49
C THR C 128 20.28 8.98 -13.73
N VAL C 129 19.75 9.06 -14.95
CA VAL C 129 18.82 10.10 -15.34
C VAL C 129 17.40 9.52 -15.33
N VAL C 130 16.48 10.20 -14.65
CA VAL C 130 15.11 9.76 -14.48
C VAL C 130 14.18 10.71 -15.23
N ARG C 131 13.23 10.14 -15.96
CA ARG C 131 12.22 10.90 -16.70
C ARG C 131 10.87 10.24 -16.51
N PRO C 132 9.80 11.03 -16.48
CA PRO C 132 8.47 10.45 -16.23
C PRO C 132 7.94 9.67 -17.44
N LEU C 133 7.38 8.50 -17.16
CA LEU C 133 6.76 7.67 -18.19
C LEU C 133 5.26 7.93 -18.24
N VAL C 134 4.76 8.21 -19.44
CA VAL C 134 3.33 8.48 -19.61
C VAL C 134 2.53 7.19 -19.55
N GLU C 135 2.92 6.19 -20.35
CA GLU C 135 2.21 4.93 -20.43
C GLU C 135 3.06 3.82 -19.84
N ASP C 136 2.56 3.20 -18.77
CA ASP C 136 3.25 2.07 -18.16
C ASP C 136 3.10 0.85 -19.07
N SER C 137 4.17 0.46 -19.73
CA SER C 137 4.19 -0.70 -20.61
C SER C 137 5.11 -1.78 -20.06
N THR C 138 4.87 -3.00 -20.51
CA THR C 138 5.78 -4.10 -20.20
C THR C 138 7.07 -4.03 -20.99
N SER C 139 7.15 -3.15 -21.99
CA SER C 139 8.33 -3.04 -22.83
C SER C 139 8.67 -1.57 -23.04
N VAL C 140 9.96 -1.30 -23.18
CA VAL C 140 10.47 0.05 -23.42
C VAL C 140 11.50 -0.04 -24.55
N THR C 141 11.40 0.89 -25.50
CA THR C 141 12.23 0.88 -26.70
C THR C 141 13.35 1.90 -26.57
N ALA C 142 14.58 1.47 -26.82
CA ALA C 142 15.75 2.33 -26.81
C ALA C 142 16.19 2.60 -28.24
N VAL C 143 16.43 3.86 -28.57
CA VAL C 143 16.83 4.28 -29.91
C VAL C 143 17.99 5.25 -29.78
N VAL C 144 19.17 4.84 -30.22
CA VAL C 144 20.36 5.69 -30.23
C VAL C 144 20.55 6.19 -31.65
N THR C 145 20.41 7.50 -31.85
CA THR C 145 20.56 8.13 -33.16
C THR C 145 21.88 8.88 -33.18
N ASP C 146 22.89 8.27 -33.80
CA ASP C 146 24.22 8.87 -33.98
C ASP C 146 24.89 9.22 -32.65
N GLY C 147 24.51 8.54 -31.57
CA GLY C 147 25.05 8.81 -30.27
C GLY C 147 24.13 9.57 -29.33
N TYR C 148 22.83 9.64 -29.64
CA TYR C 148 21.86 10.36 -28.84
C TYR C 148 20.73 9.40 -28.49
N LEU C 149 20.48 9.23 -27.18
CA LEU C 149 19.55 8.23 -26.71
C LEU C 149 18.12 8.77 -26.64
N LYS C 150 17.16 7.92 -26.97
CA LYS C 150 15.74 8.24 -26.87
C LYS C 150 15.02 7.00 -26.36
N MET C 151 14.52 7.07 -25.13
CA MET C 151 13.85 5.96 -24.47
C MET C 151 12.36 6.25 -24.39
N ALA C 152 11.54 5.42 -25.04
CA ALA C 152 10.08 5.49 -24.95
C ALA C 152 9.55 6.85 -25.39
N GLY C 153 10.14 7.39 -26.45
CA GLY C 153 9.65 8.61 -27.06
C GLY C 153 10.22 9.90 -26.51
N MET C 154 10.99 9.85 -25.42
CA MET C 154 11.58 11.04 -24.82
C MET C 154 13.09 10.89 -24.76
N HIS C 155 13.79 12.00 -25.00
CA HIS C 155 15.24 12.00 -25.09
C HIS C 155 15.88 11.93 -23.71
N PHE C 156 17.06 11.29 -23.66
CA PHE C 156 17.82 11.16 -22.42
C PHE C 156 19.21 11.77 -22.51
N GLY C 157 19.53 12.47 -23.60
CA GLY C 157 20.82 13.09 -23.74
C GLY C 157 21.83 12.21 -24.47
N ALA C 158 23.08 12.65 -24.42
CA ALA C 158 24.14 11.97 -25.14
C ALA C 158 24.52 10.67 -24.45
N CYS C 159 24.70 9.61 -25.25
CA CYS C 159 25.14 8.31 -24.76
C CYS C 159 25.61 7.49 -25.94
N ASP C 160 26.64 6.68 -25.70
CA ASP C 160 27.15 5.77 -26.73
C ASP C 160 26.29 4.51 -26.78
N PHE C 161 26.02 4.04 -27.99
CA PHE C 161 25.21 2.83 -28.16
C PHE C 161 25.89 1.62 -27.52
N GLN C 162 27.22 1.57 -27.61
CA GLN C 162 27.96 0.51 -26.96
C GLN C 162 27.79 0.57 -25.44
N ARG C 163 27.75 1.78 -24.89
CA ARG C 163 27.57 2.03 -23.47
C ARG C 163 26.10 2.13 -23.08
N LEU C 164 25.26 1.23 -23.60
CA LEU C 164 23.84 1.19 -23.26
C LEU C 164 23.62 0.25 -22.07
N PRO C 165 22.82 0.65 -21.09
CA PRO C 165 22.59 -0.22 -19.92
C PRO C 165 21.88 -1.50 -20.32
N SER C 166 22.36 -2.62 -19.77
CA SER C 166 21.69 -3.89 -19.99
C SER C 166 20.36 -3.99 -19.24
N GLU C 167 20.19 -3.18 -18.19
CA GLU C 167 18.98 -3.20 -17.39
C GLU C 167 18.52 -1.76 -17.14
N VAL C 168 17.20 -1.57 -17.11
CA VAL C 168 16.58 -0.26 -16.91
C VAL C 168 15.46 -0.42 -15.90
N THR C 169 15.38 0.51 -14.95
CA THR C 169 14.44 0.44 -13.84
C THR C 169 13.24 1.32 -14.09
N VAL C 170 12.05 0.78 -13.91
CA VAL C 170 10.80 1.53 -13.87
C VAL C 170 10.28 1.52 -12.44
N ALA C 171 9.90 2.69 -11.93
CA ALA C 171 9.52 2.85 -10.53
C ALA C 171 8.12 3.42 -10.44
N LYS C 172 7.17 2.59 -10.01
CA LYS C 172 5.83 3.01 -9.62
C LYS C 172 5.76 3.19 -8.12
N PRO C 173 4.81 3.98 -7.62
CA PRO C 173 4.79 4.30 -6.18
C PRO C 173 4.62 3.09 -5.28
N ASN C 174 4.35 1.90 -5.82
CA ASN C 174 4.17 0.71 -5.01
C ASN C 174 5.10 -0.43 -5.36
N VAL C 175 5.86 -0.34 -6.45
CA VAL C 175 6.74 -1.43 -6.87
C VAL C 175 7.84 -0.86 -7.75
N LEU C 176 9.01 -1.49 -7.71
CA LEU C 176 10.13 -1.15 -8.57
C LEU C 176 10.37 -2.31 -9.52
N ILE C 177 10.28 -2.03 -10.82
CA ILE C 177 10.37 -3.07 -11.85
C ILE C 177 11.70 -2.94 -12.58
N ALA C 178 12.27 -4.07 -12.97
CA ALA C 178 13.51 -4.12 -13.72
C ALA C 178 13.23 -4.65 -15.13
N LEU C 179 13.92 -4.09 -16.12
CA LEU C 179 13.72 -4.45 -17.52
C LEU C 179 15.04 -4.93 -18.10
N LYS C 180 15.08 -6.19 -18.51
CA LYS C 180 16.28 -6.76 -19.11
C LYS C 180 16.24 -6.56 -20.63
N MET C 181 17.40 -6.32 -21.22
CA MET C 181 17.50 -6.10 -22.67
C MET C 181 17.32 -7.43 -23.39
N ILE C 182 16.20 -7.57 -24.12
CA ILE C 182 15.93 -8.78 -24.86
C ILE C 182 16.57 -8.74 -26.25
N LYS C 183 16.31 -7.69 -27.01
CA LYS C 183 16.81 -7.57 -28.37
C LYS C 183 17.74 -6.37 -28.48
N ARG C 184 18.68 -6.45 -29.42
CA ARG C 184 19.69 -5.41 -29.62
C ARG C 184 20.10 -5.41 -31.07
N GLN C 185 19.89 -4.27 -31.74
CA GLN C 185 20.24 -4.11 -33.16
C GLN C 185 21.04 -2.82 -33.34
N ALA C 186 22.02 -2.86 -34.23
CA ALA C 186 22.86 -1.72 -34.53
C ALA C 186 22.58 -1.25 -35.96
N TYR C 187 22.08 -0.02 -36.09
CA TYR C 187 21.83 0.54 -37.42
C TYR C 187 23.10 1.07 -38.06
N GLY C 188 23.98 1.68 -37.26
CA GLY C 188 25.23 2.19 -37.78
C GLY C 188 26.39 1.93 -36.84
N THR C 189 27.44 2.75 -36.92
CA THR C 189 28.57 2.60 -36.02
C THR C 189 28.19 2.97 -34.60
N ASN C 190 27.43 4.05 -34.42
CA ASN C 190 26.93 4.45 -33.12
C ASN C 190 25.41 4.54 -33.07
N SER C 191 24.72 4.25 -34.17
CA SER C 191 23.27 4.24 -34.22
C SER C 191 22.76 2.81 -34.05
N GLY C 192 21.72 2.66 -33.24
CA GLY C 192 21.16 1.34 -32.99
C GLY C 192 19.85 1.41 -32.27
N VAL C 193 19.27 0.24 -32.03
CA VAL C 193 17.99 0.11 -31.35
C VAL C 193 18.06 -1.06 -30.37
N ALA C 194 17.26 -1.00 -29.32
CA ALA C 194 17.22 -2.06 -28.33
C ALA C 194 15.87 -2.03 -27.62
N ILE C 195 15.50 -3.16 -27.03
CA ILE C 195 14.23 -3.30 -26.34
C ILE C 195 14.48 -3.89 -24.96
N TYR C 196 13.58 -3.58 -24.02
CA TYR C 196 13.67 -4.03 -22.65
C TYR C 196 12.32 -4.58 -22.22
N HIS C 197 12.34 -5.70 -21.49
CA HIS C 197 11.12 -6.35 -21.02
C HIS C 197 11.24 -6.68 -19.54
N ARG C 198 10.11 -6.64 -18.85
CA ARG C 198 10.08 -6.81 -17.40
C ARG C 198 10.08 -8.29 -17.01
N TYR C 199 10.25 -8.53 -15.72
CA TYR C 199 10.21 -9.88 -15.16
C TYR C 199 10.06 -9.81 -13.64
N VAL D 13 -25.95 38.81 9.42
CA VAL D 13 -24.57 39.09 9.79
C VAL D 13 -23.74 37.82 9.74
N LEU D 14 -23.97 36.93 10.71
CA LEU D 14 -23.22 35.68 10.77
C LEU D 14 -23.71 34.66 9.75
N ARG D 15 -25.01 34.68 9.44
CA ARG D 15 -25.55 33.72 8.47
C ARG D 15 -24.96 33.95 7.08
N LEU D 16 -24.83 35.21 6.67
CA LEU D 16 -24.25 35.51 5.36
C LEU D 16 -22.82 35.00 5.27
N VAL D 17 -22.06 35.10 6.37
CA VAL D 17 -20.69 34.59 6.41
C VAL D 17 -20.67 33.08 6.16
N LYS D 18 -21.62 32.37 6.74
CA LYS D 18 -21.62 30.91 6.68
C LYS D 18 -21.90 30.41 5.26
N ASP D 19 -22.94 30.95 4.63
CA ASP D 19 -23.23 30.56 3.25
C ASP D 19 -22.08 30.90 2.33
N TRP D 20 -21.44 32.05 2.56
CA TRP D 20 -20.30 32.47 1.76
C TRP D 20 -19.15 31.49 1.88
N ASN D 21 -18.78 31.12 3.12
CA ASN D 21 -17.67 30.20 3.33
C ASN D 21 -18.00 28.79 2.86
N PHE D 22 -19.24 28.32 3.06
CA PHE D 22 -19.57 26.96 2.66
C PHE D 22 -19.42 26.77 1.16
N THR D 23 -19.91 27.73 0.36
CA THR D 23 -19.78 27.62 -1.10
C THR D 23 -18.32 27.68 -1.52
N TRP D 24 -17.55 28.60 -0.94
CA TRP D 24 -16.14 28.71 -1.30
C TRP D 24 -15.36 27.48 -0.85
N SER D 25 -15.74 26.89 0.29
CA SER D 25 -15.05 25.68 0.75
C SER D 25 -15.21 24.55 -0.26
N VAL D 26 -16.39 24.42 -0.84
CA VAL D 26 -16.61 23.42 -1.90
C VAL D 26 -15.75 23.72 -3.11
N VAL D 27 -15.67 25.00 -3.49
CA VAL D 27 -14.92 25.39 -4.68
C VAL D 27 -13.42 25.15 -4.47
N PHE D 28 -12.89 25.55 -3.32
CA PHE D 28 -11.45 25.40 -3.09
C PHE D 28 -11.04 23.94 -3.07
N LEU D 29 -11.88 23.09 -2.48
CA LEU D 29 -11.60 21.65 -2.54
C LEU D 29 -11.68 21.13 -3.96
N LEU D 30 -12.65 21.64 -4.74
CA LEU D 30 -12.76 21.22 -6.14
C LEU D 30 -11.54 21.64 -6.94
N ILE D 31 -11.01 22.84 -6.66
CA ILE D 31 -9.78 23.27 -7.31
C ILE D 31 -8.62 22.38 -6.89
N THR D 32 -8.57 22.02 -5.61
CA THR D 32 -7.51 21.14 -5.13
C THR D 32 -7.57 19.77 -5.82
N ILE D 33 -8.77 19.24 -6.01
CA ILE D 33 -8.92 17.93 -6.64
C ILE D 33 -8.45 17.99 -8.10
N VAL D 34 -8.95 18.96 -8.86
CA VAL D 34 -8.57 19.06 -10.26
C VAL D 34 -7.11 19.46 -10.42
N LEU D 35 -6.52 20.10 -9.41
CA LEU D 35 -5.10 20.45 -9.47
C LEU D 35 -4.20 19.28 -9.11
N GLN D 36 -4.74 18.27 -8.42
CA GLN D 36 -3.98 17.11 -7.99
C GLN D 36 -4.22 15.87 -8.85
N TYR D 37 -5.46 15.67 -9.32
CA TYR D 37 -5.81 14.50 -10.11
C TYR D 37 -6.34 14.85 -11.49
N GLY D 38 -6.37 16.13 -11.87
CA GLY D 38 -6.91 16.52 -13.14
C GLY D 38 -5.93 16.39 -14.30
N TYR D 39 -5.59 15.14 -14.65
CA TYR D 39 -4.68 14.86 -15.75
C TYR D 39 -5.17 13.64 -16.50
N PRO D 40 -5.13 13.65 -17.83
CA PRO D 40 -5.60 12.49 -18.59
C PRO D 40 -4.79 11.23 -18.34
N SER D 41 -3.58 11.36 -17.80
CA SER D 41 -2.78 10.19 -17.43
C SER D 41 -3.16 9.63 -16.08
N ARG D 42 -4.03 10.31 -15.33
CA ARG D 42 -4.48 9.84 -14.02
C ARG D 42 -5.95 9.42 -14.08
N SER D 43 -6.86 10.36 -14.32
CA SER D 43 -8.29 10.06 -14.39
C SER D 43 -8.93 10.95 -15.45
N MET D 44 -9.46 10.32 -16.50
CA MET D 44 -10.15 11.07 -17.53
C MET D 44 -11.36 11.82 -16.98
N PHE D 45 -12.02 11.27 -15.97
CA PHE D 45 -13.18 11.93 -15.39
C PHE D 45 -12.79 13.22 -14.69
N VAL D 46 -11.75 13.16 -13.83
CA VAL D 46 -11.31 14.36 -13.13
C VAL D 46 -10.76 15.38 -14.12
N TYR D 47 -10.18 14.92 -15.23
CA TYR D 47 -9.66 15.84 -16.23
C TYR D 47 -10.76 16.69 -16.84
N VAL D 48 -11.92 16.10 -17.11
CA VAL D 48 -13.03 16.87 -17.67
C VAL D 48 -13.56 17.87 -16.66
N ILE D 49 -13.53 17.52 -15.36
CA ILE D 49 -13.93 18.47 -14.34
C ILE D 49 -12.99 19.67 -14.32
N LYS D 50 -11.68 19.41 -14.45
CA LYS D 50 -10.72 20.51 -14.52
C LYS D 50 -10.99 21.40 -15.72
N MET D 51 -11.34 20.79 -16.86
CA MET D 51 -11.59 21.57 -18.07
C MET D 51 -12.84 22.42 -17.93
N PHE D 52 -13.87 21.89 -17.24
CA PHE D 52 -15.05 22.71 -16.96
C PHE D 52 -14.73 23.81 -15.97
N VAL D 53 -13.84 23.54 -15.01
CA VAL D 53 -13.42 24.58 -14.07
C VAL D 53 -12.61 25.66 -14.79
N LEU D 54 -11.72 25.24 -15.71
CA LEU D 54 -10.90 26.20 -16.43
C LEU D 54 -11.75 27.04 -17.38
N TRP D 55 -12.74 26.43 -18.02
CA TRP D 55 -13.62 27.17 -18.92
C TRP D 55 -14.42 28.22 -18.16
N LEU D 56 -14.82 27.91 -16.92
CA LEU D 56 -15.49 28.89 -16.08
C LEU D 56 -14.50 29.86 -15.44
N LEU D 57 -13.23 29.47 -15.30
CA LEU D 57 -12.27 30.31 -14.61
C LEU D 57 -11.86 31.51 -15.44
N TRP D 58 -11.82 31.37 -16.77
CA TRP D 58 -11.43 32.50 -17.62
C TRP D 58 -12.38 33.68 -17.50
N PRO D 59 -13.70 33.53 -17.69
CA PRO D 59 -14.57 34.70 -17.56
C PRO D 59 -14.70 35.18 -16.13
N ALA D 60 -14.70 34.25 -15.16
CA ALA D 60 -14.79 34.65 -13.76
C ALA D 60 -13.59 35.50 -13.35
N SER D 61 -12.38 35.07 -13.74
CA SER D 61 -11.19 35.87 -13.47
C SER D 61 -11.27 37.21 -14.18
N MET D 62 -11.75 37.21 -15.43
CA MET D 62 -11.93 38.46 -16.15
C MET D 62 -12.98 39.33 -15.48
N ALA D 63 -14.16 38.77 -15.22
CA ALA D 63 -15.23 39.55 -14.60
C ALA D 63 -14.84 40.05 -13.22
N LEU D 64 -14.06 39.27 -12.47
CA LEU D 64 -13.62 39.72 -11.17
C LEU D 64 -12.66 40.90 -11.29
N SER D 65 -11.83 40.91 -12.32
CA SER D 65 -10.95 42.06 -12.56
C SER D 65 -11.73 43.27 -13.04
N ILE D 66 -12.79 43.06 -13.82
CA ILE D 66 -13.64 44.17 -14.25
C ILE D 66 -14.28 44.83 -13.04
N PHE D 67 -14.66 44.04 -12.02
CA PHE D 67 -15.24 44.61 -10.82
C PHE D 67 -14.22 45.46 -10.08
N CYS D 68 -13.01 44.93 -9.87
CA CYS D 68 -11.96 45.67 -9.17
C CYS D 68 -11.46 46.87 -9.96
N ALA D 69 -11.82 47.00 -11.24
CA ALA D 69 -11.52 48.19 -12.01
C ALA D 69 -12.62 49.24 -11.93
N VAL D 70 -13.88 48.80 -11.80
CA VAL D 70 -14.98 49.74 -11.62
C VAL D 70 -15.01 50.27 -10.19
N TYR D 71 -14.71 49.41 -9.22
CA TYR D 71 -14.66 49.78 -7.81
C TYR D 71 -13.24 49.50 -7.30
N PRO D 72 -12.28 50.36 -7.64
CA PRO D 72 -10.89 50.11 -7.25
C PRO D 72 -10.52 50.79 -5.94
N ILE D 73 -9.41 50.32 -5.37
CA ILE D 73 -8.88 50.93 -4.16
C ILE D 73 -8.28 52.30 -4.47
N ASP D 74 -7.47 52.38 -5.52
CA ASP D 74 -6.86 53.62 -5.95
C ASP D 74 -6.65 53.55 -7.46
N LEU D 75 -5.97 54.56 -8.00
CA LEU D 75 -5.78 54.63 -9.45
C LEU D 75 -4.86 53.52 -9.94
N ALA D 76 -3.81 53.20 -9.19
CA ALA D 76 -2.92 52.11 -9.58
C ALA D 76 -3.62 50.77 -9.53
N SER D 77 -4.49 50.57 -8.53
CA SER D 77 -5.27 49.34 -8.47
C SER D 77 -6.25 49.24 -9.64
N GLN D 78 -6.77 50.38 -10.09
CA GLN D 78 -7.66 50.37 -11.26
C GLN D 78 -6.91 49.94 -12.51
N ILE D 79 -5.67 50.43 -12.69
CA ILE D 79 -4.90 50.06 -13.85
C ILE D 79 -4.49 48.60 -13.81
N ILE D 80 -4.03 48.13 -12.64
CA ILE D 80 -3.60 46.74 -12.51
C ILE D 80 -4.77 45.81 -12.78
N SER D 81 -5.97 46.15 -12.29
CA SER D 81 -7.14 45.33 -12.54
C SER D 81 -7.44 45.23 -14.04
N GLY D 82 -7.30 46.34 -14.76
CA GLY D 82 -7.49 46.31 -16.21
C GLY D 82 -6.44 45.48 -16.92
N ILE D 83 -5.20 45.49 -16.42
CA ILE D 83 -4.17 44.65 -17.01
C ILE D 83 -4.48 43.18 -16.77
N LEU D 84 -4.92 42.83 -15.56
CA LEU D 84 -5.30 41.45 -15.28
C LEU D 84 -6.55 41.04 -16.06
N ALA D 85 -7.46 41.99 -16.31
CA ALA D 85 -8.65 41.68 -17.08
C ALA D 85 -8.28 41.29 -18.51
N ALA D 86 -7.42 42.08 -19.15
CA ALA D 86 -6.94 41.70 -20.49
C ALA D 86 -6.12 40.43 -20.45
N THR D 87 -5.43 40.17 -19.33
CA THR D 87 -4.63 38.96 -19.20
C THR D 87 -5.52 37.72 -19.22
N SER D 88 -6.62 37.75 -18.47
CA SER D 88 -7.58 36.65 -18.52
C SER D 88 -8.16 36.50 -19.91
N CYS D 89 -8.36 37.61 -20.61
CA CYS D 89 -8.92 37.55 -21.97
C CYS D 89 -7.88 37.08 -22.97
N ALA D 90 -6.63 37.50 -22.80
CA ALA D 90 -5.58 37.10 -23.75
C ALA D 90 -5.26 35.62 -23.62
N MET D 91 -5.31 35.07 -22.40
CA MET D 91 -5.03 33.66 -22.21
C MET D 91 -6.11 32.80 -22.83
N TRP D 92 -7.37 33.22 -22.74
CA TRP D 92 -8.45 32.46 -23.36
C TRP D 92 -8.35 32.51 -24.88
N ILE D 93 -8.06 33.68 -25.44
CA ILE D 93 -7.89 33.79 -26.89
C ILE D 93 -6.74 32.93 -27.36
N SER D 94 -5.62 32.95 -26.62
CA SER D 94 -4.47 32.12 -26.97
C SER D 94 -4.84 30.64 -26.94
N TYR D 95 -5.51 30.20 -25.87
CA TYR D 95 -5.92 28.80 -25.77
C TYR D 95 -6.85 28.42 -26.92
N PHE D 96 -7.82 29.28 -27.24
CA PHE D 96 -8.77 28.95 -28.29
C PHE D 96 -8.10 28.89 -29.65
N VAL D 97 -7.12 29.75 -29.88
CA VAL D 97 -6.43 29.76 -31.18
C VAL D 97 -5.63 28.48 -31.37
N GLN D 98 -4.88 28.07 -30.36
CA GLN D 98 -4.08 26.85 -30.47
C GLN D 98 -4.98 25.62 -30.57
N SER D 99 -6.00 25.54 -29.73
CA SER D 99 -6.86 24.35 -29.73
C SER D 99 -7.64 24.24 -31.03
N ILE D 100 -8.08 25.37 -31.59
CA ILE D 100 -8.82 25.35 -32.85
C ILE D 100 -7.90 24.94 -34.00
N ARG D 101 -6.73 25.58 -34.09
CA ARG D 101 -5.80 25.27 -35.16
C ARG D 101 -5.34 23.81 -35.07
N LEU D 102 -5.16 23.31 -33.85
CA LEU D 102 -4.83 21.90 -33.68
C LEU D 102 -6.00 21.01 -34.06
N PHE D 103 -7.22 21.41 -33.69
CA PHE D 103 -8.39 20.60 -34.01
C PHE D 103 -8.67 20.56 -35.51
N MET D 104 -8.29 21.62 -36.23
CA MET D 104 -8.47 21.61 -37.67
C MET D 104 -7.43 20.71 -38.35
N ARG D 105 -6.24 20.62 -37.78
CA ARG D 105 -5.21 19.74 -38.34
C ARG D 105 -5.41 18.29 -37.95
N THR D 106 -5.97 18.03 -36.77
CA THR D 106 -6.12 16.68 -36.26
C THR D 106 -7.56 16.18 -36.27
N GLY D 107 -8.51 17.01 -35.82
CA GLY D 107 -9.85 16.56 -35.57
C GLY D 107 -10.04 15.85 -34.25
N SER D 108 -8.98 15.72 -33.46
CA SER D 108 -9.04 15.04 -32.18
C SER D 108 -9.37 16.02 -31.05
N TRP D 109 -9.92 15.48 -29.97
CA TRP D 109 -10.26 16.30 -28.81
C TRP D 109 -9.09 16.54 -27.89
N TRP D 110 -7.96 15.85 -28.09
CA TRP D 110 -6.75 16.18 -27.34
C TRP D 110 -6.23 17.56 -27.69
N SER D 111 -6.67 18.14 -28.81
CA SER D 111 -6.26 19.49 -29.18
C SER D 111 -6.69 20.51 -28.14
N PHE D 112 -7.79 20.25 -27.45
CA PHE D 112 -8.28 21.16 -26.42
C PHE D 112 -7.59 20.95 -25.07
N ASN D 113 -6.72 19.96 -24.96
CA ASN D 113 -5.94 19.74 -23.75
C ASN D 113 -4.77 20.72 -23.71
N PRO D 114 -4.77 21.67 -22.78
CA PRO D 114 -3.65 22.62 -22.71
C PRO D 114 -2.34 21.97 -22.34
N GLU D 115 -2.38 20.81 -21.67
CA GLU D 115 -1.17 20.13 -21.23
C GLU D 115 -0.33 19.61 -22.40
N SER D 116 -0.95 19.40 -23.56
CA SER D 116 -0.25 18.86 -24.72
C SER D 116 -0.60 19.65 -25.96
N ASN D 117 0.42 20.11 -26.69
CA ASN D 117 0.23 20.76 -27.97
C ASN D 117 0.86 20.00 -29.13
N CYS D 118 1.59 18.93 -28.87
CA CYS D 118 2.12 18.07 -29.91
C CYS D 118 1.29 16.81 -29.99
N LEU D 119 0.79 16.51 -31.19
CA LEU D 119 -0.10 15.37 -31.40
C LEU D 119 0.45 14.47 -32.50
N LEU D 120 0.43 13.17 -32.25
CA LEU D 120 0.91 12.17 -33.21
C LEU D 120 -0.29 11.53 -33.90
N ASN D 121 -0.34 11.64 -35.22
CA ASN D 121 -1.44 11.11 -36.01
C ASN D 121 -0.95 9.92 -36.81
N VAL D 122 -1.49 8.74 -36.52
CA VAL D 122 -1.10 7.49 -37.16
C VAL D 122 -2.35 6.87 -37.77
N PRO D 123 -2.37 6.59 -39.08
CA PRO D 123 -3.55 5.97 -39.70
C PRO D 123 -3.53 4.46 -39.54
N ILE D 124 -4.48 3.94 -38.76
CA ILE D 124 -4.60 2.50 -38.57
C ILE D 124 -5.80 2.00 -39.35
N GLY D 125 -5.56 1.52 -40.56
CA GLY D 125 -6.63 1.00 -41.40
C GLY D 125 -7.59 2.08 -41.87
N GLY D 126 -8.84 2.01 -41.40
CA GLY D 126 -9.85 2.94 -41.86
C GLY D 126 -9.66 4.36 -41.35
N THR D 127 -9.56 4.52 -40.04
CA THR D 127 -9.48 5.83 -39.42
C THR D 127 -8.05 6.11 -38.96
N THR D 128 -7.86 7.28 -38.37
CA THR D 128 -6.57 7.72 -37.86
C THR D 128 -6.68 7.93 -36.35
N VAL D 129 -5.74 7.38 -35.60
CA VAL D 129 -5.70 7.50 -34.14
C VAL D 129 -4.69 8.58 -33.77
N VAL D 130 -5.12 9.53 -32.95
CA VAL D 130 -4.29 10.65 -32.53
C VAL D 130 -4.00 10.51 -31.05
N ARG D 131 -2.75 10.73 -30.67
CA ARG D 131 -2.31 10.67 -29.28
C ARG D 131 -1.36 11.82 -29.02
N PRO D 132 -1.38 12.38 -27.80
CA PRO D 132 -0.52 13.53 -27.50
C PRO D 132 0.95 13.12 -27.36
N LEU D 133 1.82 13.90 -27.99
CA LEU D 133 3.26 13.70 -27.91
C LEU D 133 3.83 14.59 -26.82
N VAL D 134 4.60 13.99 -25.90
CA VAL D 134 5.20 14.75 -24.81
C VAL D 134 6.40 15.55 -25.31
N GLU D 135 7.33 14.88 -26.00
CA GLU D 135 8.56 15.50 -26.47
C GLU D 135 8.52 15.56 -28.00
N ASP D 136 8.53 16.78 -28.53
CA ASP D 136 8.57 16.98 -29.97
C ASP D 136 9.96 16.63 -30.48
N SER D 137 10.07 15.51 -31.18
CA SER D 137 11.34 15.06 -31.74
C SER D 137 11.28 15.06 -33.26
N THR D 138 12.45 15.11 -33.87
CA THR D 138 12.56 14.95 -35.32
C THR D 138 12.34 13.51 -35.76
N SER D 139 12.31 12.57 -34.82
CA SER D 139 12.15 11.16 -35.14
C SER D 139 11.14 10.52 -34.19
N VAL D 140 10.43 9.53 -34.70
CA VAL D 140 9.46 8.76 -33.93
C VAL D 140 9.67 7.29 -34.23
N THR D 141 9.70 6.47 -33.18
CA THR D 141 10.00 5.05 -33.29
C THR D 141 8.70 4.24 -33.19
N ALA D 142 8.50 3.35 -34.15
CA ALA D 142 7.35 2.44 -34.17
C ALA D 142 7.82 1.04 -33.78
N VAL D 143 7.10 0.41 -32.86
CA VAL D 143 7.42 -0.93 -32.38
C VAL D 143 6.15 -1.75 -32.37
N VAL D 144 6.08 -2.77 -33.21
CA VAL D 144 4.96 -3.69 -33.28
C VAL D 144 5.37 -4.96 -32.54
N THR D 145 4.69 -5.24 -31.43
CA THR D 145 4.97 -6.41 -30.60
C THR D 145 3.86 -7.42 -30.82
N ASP D 146 4.13 -8.44 -31.64
CA ASP D 146 3.20 -9.53 -31.94
C ASP D 146 1.88 -9.03 -32.53
N GLY D 147 1.91 -7.88 -33.17
CA GLY D 147 0.71 -7.30 -33.76
C GLY D 147 0.11 -6.13 -33.01
N TYR D 148 0.79 -5.61 -31.99
CA TYR D 148 0.30 -4.46 -31.24
C TYR D 148 1.30 -3.31 -31.39
N LEU D 149 0.79 -2.14 -31.77
CA LEU D 149 1.63 -1.01 -32.12
C LEU D 149 1.92 -0.14 -30.91
N LYS D 150 3.14 0.39 -30.85
CA LYS D 150 3.56 1.33 -29.81
C LYS D 150 4.40 2.41 -30.48
N MET D 151 3.87 3.63 -30.52
CA MET D 151 4.53 4.76 -31.18
C MET D 151 5.02 5.73 -30.12
N ALA D 152 6.35 5.93 -30.08
CA ALA D 152 6.96 6.93 -29.20
C ALA D 152 6.61 6.71 -27.74
N GLY D 153 6.59 5.44 -27.32
CA GLY D 153 6.41 5.10 -25.93
C GLY D 153 4.98 4.86 -25.49
N MET D 154 4.00 5.17 -26.33
CA MET D 154 2.59 4.98 -26.00
C MET D 154 1.94 4.06 -27.01
N HIS D 155 1.03 3.21 -26.52
CA HIS D 155 0.41 2.20 -27.36
C HIS D 155 -0.64 2.82 -28.26
N PHE D 156 -0.80 2.24 -29.45
CA PHE D 156 -1.77 2.72 -30.43
C PHE D 156 -2.78 1.64 -30.82
N GLY D 157 -2.77 0.50 -30.14
CA GLY D 157 -3.71 -0.56 -30.44
C GLY D 157 -3.19 -1.59 -31.42
N ALA D 158 -4.11 -2.44 -31.85
CA ALA D 158 -3.77 -3.54 -32.75
C ALA D 158 -3.49 -3.03 -34.16
N CYS D 159 -2.44 -3.58 -34.78
CA CYS D 159 -2.09 -3.24 -36.15
C CYS D 159 -1.13 -4.28 -36.68
N ASP D 160 -1.26 -4.57 -37.98
CA ASP D 160 -0.35 -5.51 -38.63
C ASP D 160 0.95 -4.81 -38.98
N PHE D 161 2.07 -5.50 -38.77
CA PHE D 161 3.37 -4.90 -39.02
C PHE D 161 3.57 -4.55 -40.49
N GLN D 162 3.09 -5.41 -41.39
CA GLN D 162 3.16 -5.09 -42.82
C GLN D 162 2.31 -3.87 -43.16
N ARG D 163 1.16 -3.73 -42.51
CA ARG D 163 0.29 -2.58 -42.73
C ARG D 163 0.68 -1.41 -41.84
N LEU D 164 1.98 -1.12 -41.77
CA LEU D 164 2.45 0.03 -41.03
C LEU D 164 2.46 1.26 -41.93
N PRO D 165 1.98 2.41 -41.47
CA PRO D 165 1.90 3.59 -42.35
C PRO D 165 3.29 4.02 -42.79
N SER D 166 3.41 4.32 -44.09
CA SER D 166 4.66 4.86 -44.60
C SER D 166 4.90 6.28 -44.16
N GLU D 167 3.84 7.00 -43.78
CA GLU D 167 3.96 8.38 -43.34
C GLU D 167 3.11 8.58 -42.10
N VAL D 168 3.59 9.42 -41.18
CA VAL D 168 2.91 9.70 -39.93
C VAL D 168 2.95 11.21 -39.70
N THR D 169 1.83 11.77 -39.29
CA THR D 169 1.67 13.21 -39.15
C THR D 169 1.82 13.64 -37.69
N VAL D 170 2.64 14.65 -37.45
CA VAL D 170 2.73 15.33 -36.17
C VAL D 170 2.16 16.73 -36.35
N ALA D 171 1.30 17.14 -35.42
CA ALA D 171 0.56 18.40 -35.56
C ALA D 171 0.83 19.27 -34.34
N LYS D 172 1.57 20.36 -34.56
CA LYS D 172 1.74 21.44 -33.61
C LYS D 172 0.76 22.56 -33.95
N PRO D 173 0.41 23.41 -32.98
CA PRO D 173 -0.63 24.43 -33.23
C PRO D 173 -0.28 25.43 -34.33
N ASN D 174 0.94 25.43 -34.86
CA ASN D 174 1.33 26.36 -35.90
C ASN D 174 1.84 25.70 -37.17
N VAL D 175 2.06 24.38 -37.19
CA VAL D 175 2.60 23.71 -38.36
C VAL D 175 2.22 22.24 -38.29
N LEU D 176 2.05 21.62 -39.45
CA LEU D 176 1.79 20.19 -39.58
C LEU D 176 2.98 19.55 -40.27
N ILE D 177 3.61 18.59 -39.59
CA ILE D 177 4.84 17.96 -40.07
C ILE D 177 4.53 16.53 -40.48
N ALA D 178 5.21 16.07 -41.53
CA ALA D 178 5.08 14.70 -42.03
C ALA D 178 6.38 13.95 -41.79
N LEU D 179 6.26 12.67 -41.43
CA LEU D 179 7.41 11.82 -41.12
C LEU D 179 7.42 10.62 -42.04
N LYS D 180 8.45 10.51 -42.87
CA LYS D 180 8.60 9.39 -43.78
C LYS D 180 9.38 8.26 -43.12
N MET D 181 9.00 7.03 -43.42
CA MET D 181 9.66 5.85 -42.85
C MET D 181 11.03 5.67 -43.48
N ILE D 182 12.08 5.87 -42.68
CA ILE D 182 13.45 5.72 -43.16
C ILE D 182 13.92 4.27 -43.06
N LYS D 183 13.80 3.67 -41.88
CA LYS D 183 14.28 2.32 -41.63
C LYS D 183 13.11 1.42 -41.25
N ARG D 184 13.27 0.14 -41.55
CA ARG D 184 12.22 -0.84 -41.30
C ARG D 184 12.86 -2.20 -41.04
N GLN D 185 12.62 -2.76 -39.85
CA GLN D 185 13.17 -4.05 -39.47
C GLN D 185 12.05 -4.92 -38.91
N ALA D 186 12.12 -6.21 -39.23
CA ALA D 186 11.13 -7.18 -38.78
C ALA D 186 11.79 -8.15 -37.80
N TYR D 187 11.30 -8.15 -36.55
CA TYR D 187 11.84 -9.06 -35.55
C TYR D 187 11.26 -10.45 -35.69
N GLY D 188 9.96 -10.55 -36.01
CA GLY D 188 9.33 -11.84 -36.21
C GLY D 188 8.38 -11.84 -37.40
N THR D 189 7.40 -12.75 -37.37
CA THR D 189 6.41 -12.78 -38.45
C THR D 189 5.53 -11.54 -38.42
N ASN D 190 5.10 -11.12 -37.24
CA ASN D 190 4.31 -9.91 -37.08
C ASN D 190 4.97 -8.89 -36.15
N SER D 191 6.13 -9.22 -35.59
CA SER D 191 6.87 -8.30 -34.74
C SER D 191 7.94 -7.58 -35.54
N GLY D 192 8.08 -6.28 -35.32
CA GLY D 192 9.05 -5.50 -36.05
C GLY D 192 9.21 -4.12 -35.47
N VAL D 193 10.11 -3.35 -36.07
CA VAL D 193 10.41 -1.99 -35.65
C VAL D 193 10.59 -1.11 -36.88
N ALA D 194 10.33 0.18 -36.72
CA ALA D 194 10.47 1.14 -37.80
C ALA D 194 10.68 2.52 -37.22
N ILE D 195 11.25 3.40 -38.04
CA ILE D 195 11.56 4.77 -37.63
C ILE D 195 11.01 5.74 -38.66
N TYR D 196 10.69 6.95 -38.21
CA TYR D 196 10.13 8.00 -39.05
C TYR D 196 10.90 9.28 -38.83
N HIS D 197 11.17 10.01 -39.91
CA HIS D 197 11.91 11.26 -39.84
C HIS D 197 11.20 12.34 -40.65
N ARG D 198 11.33 13.58 -40.19
CA ARG D 198 10.62 14.70 -40.78
C ARG D 198 11.36 15.25 -42.00
N TYR D 199 10.69 16.13 -42.73
CA TYR D 199 11.26 16.81 -43.89
C TYR D 199 10.43 18.02 -44.27
C01 N8E E . -4.03 2.67 7.51
C02 N8E E . -4.12 4.16 7.82
C03 N8E E . -5.56 4.65 7.62
C04 N8E E . -5.70 6.05 8.21
C05 N8E E . -7.16 6.37 8.48
C06 N8E E . -7.25 7.23 9.74
C07 N8E E . -8.69 7.67 10.00
C08 N8E E . -8.74 8.44 11.32
O09 N8E E . -9.95 9.14 11.44
C10 N8E E . -9.83 10.32 12.19
C11 N8E E . -11.19 10.72 12.77
O12 N8E E . -11.18 10.58 14.17
C13 N8E E . -11.28 11.81 14.84
C14 N8E E . -12.18 11.63 16.06
O15 N8E E . -12.43 12.88 16.64
C16 N8E E . -13.79 13.16 16.85
C17 N8E E . -13.99 13.71 18.26
O18 N8E E . -14.94 14.74 18.23
C19 N8E E . -14.71 15.76 19.16
C20 N8E E . -15.68 16.91 18.90
O21 N8E E . -15.99 17.55 20.10
C22 N8E E . -17.22 18.21 20.09
C23 N8E E . -17.30 19.19 21.26
O24 N8E E . -18.63 19.37 21.64
C01 N8E F . 1.74 2.75 4.91
C02 N8E F . 1.40 4.19 5.28
C03 N8E F . -0.09 4.44 5.08
C04 N8E F . -0.44 5.87 5.51
C05 N8E F . -0.07 6.09 6.97
C06 N8E F . -1.02 7.14 7.57
C07 N8E F . -0.52 7.55 8.95
C08 N8E F . -1.72 7.80 9.86
O09 N8E F . -2.23 9.09 9.62
C10 N8E F . -3.04 9.57 10.64
C11 N8E F . -3.11 11.10 10.55
O12 N8E F . -4.44 11.52 10.46
C13 N8E F . -4.76 12.55 11.35
C14 N8E F . -6.07 12.23 12.09
O15 N8E F . -6.56 13.39 12.71
C16 N8E F . -6.71 13.25 14.09
C17 N8E F . -8.01 13.93 14.53
O18 N8E F . -7.80 14.59 15.75
C19 N8E F . -8.83 15.46 16.11
C20 N8E F . -8.30 16.51 17.11
O21 N8E F . -9.24 16.73 18.11
C22 N8E F . -8.85 17.67 19.07
C23 N8E F . -9.97 18.68 19.28
O24 N8E F . -9.52 19.71 20.13
C01 N8E G . -5.61 2.03 -0.47
C02 N8E G . -6.64 2.10 0.66
C03 N8E G . -6.06 2.91 1.82
C04 N8E G . -7.14 3.14 2.89
C05 N8E G . -8.18 4.13 2.36
C06 N8E G . -8.90 4.78 3.56
C07 N8E G . -10.20 5.42 3.08
C08 N8E G . -10.39 6.76 3.79
O09 N8E G . -10.98 6.55 5.05
C10 N8E G . -11.41 7.72 5.68
C11 N8E G . -11.86 7.38 7.11
O12 N8E G . -11.57 8.47 7.95
C13 N8E G . -12.63 8.82 8.80
C14 N8E G . -12.36 10.20 9.41
O15 N8E G . -13.42 11.07 9.13
C16 N8E G . -14.01 11.63 10.27
C17 N8E G . -14.75 12.91 9.88
O18 N8E G . -14.51 13.89 10.86
C19 N8E G . -15.58 14.07 11.75
C20 N8E G . -16.35 15.34 11.40
O21 N8E G . -17.72 15.13 11.59
C22 N8E G . -18.37 16.22 12.19
C23 N8E G . -19.69 15.76 12.79
O24 N8E G . -20.37 16.86 13.33
C01 N8E H . -4.23 7.60 3.32
C02 N8E H . -5.55 8.19 3.81
C03 N8E H . -5.56 8.19 5.34
C04 N8E H . -5.96 9.58 5.86
C05 N8E H . -7.46 9.59 6.18
C06 N8E H . -7.81 10.91 6.88
C07 N8E H . -6.81 11.19 8.01
C08 N8E H . -7.02 12.60 8.55
O09 N8E H . -8.38 12.84 8.75
C10 N8E H . -8.64 13.63 9.88
C11 N8E H . -10.09 14.14 9.82
O12 N8E H . -10.23 15.27 10.62
C13 N8E H . -10.87 16.35 10.00
C14 N8E H . -12.14 16.69 10.77
O15 N8E H . -11.88 17.70 11.71
C16 N8E H . -12.98 18.52 11.97
C17 N8E H . -12.76 19.30 13.27
O18 N8E H . -14.00 19.77 13.72
C19 N8E H . -13.96 20.45 14.94
C20 N8E H . -15.38 20.87 15.34
O21 N8E H . -15.38 21.47 16.59
C22 N8E H . -16.64 21.98 16.97
C23 N8E H . -16.53 22.64 18.35
O24 N8E H . -16.52 24.03 18.21
#